data_7TBF
#
_entry.id   7TBF
#
_cell.length_a   1.00
_cell.length_b   1.00
_cell.length_c   1.00
_cell.angle_alpha   90.00
_cell.angle_beta   90.00
_cell.angle_gamma   90.00
#
_symmetry.space_group_name_H-M   'P 1'
#
loop_
_entity.id
_entity.type
_entity.pdbx_description
1 polymer 'Spike glycoprotein'
2 polymer 'Heavy chain of SARS-CoV-2 antibody B1-182.1'
3 polymer 'Light chain of SARS-CoV-2 antibody B1-182.1'
4 polymer 'Heavy chain of SARS-CoV-2 antibody A19-61.1'
5 polymer 'Light chain of SARS-CoV-2 antibody A19-61.1'
6 branched 2-acetamido-2-deoxy-beta-D-glucopyranose-(1-4)-2-acetamido-2-deoxy-beta-D-glucopyranose
#
loop_
_entity_poly.entity_id
_entity_poly.type
_entity_poly.pdbx_seq_one_letter_code
_entity_poly.pdbx_strand_id
1 'polypeptide(L)'
;ITNLCPFGEVFNATRFASVYAWNRKRISNCVADYSVLYNSASFSTFKCYGVSPTKLNDLCFTNVYADSFVIRGDEVRQIA
PGQTGKIADYNYKLPDDFTGCVIAWNSNNLDSKVGGNYNYLYRLFRKSNLKPFERDISTEIYQAGSTPCNGVEGFNCYFP
LQSYGFQPTNGVGYQPYRVVVLSFELLHAPATVCGP
;
A
2 'polypeptide(L)'
;QMQLVQSGPEVKKPGTSVKVSCKASGFTFTSSAVQWVRQARGQRLEWIGWIVVGSGNTNYAQKFQERVTITRDMSTSTAY
MELSSLRSEDTAVYYCAAPYCSGGSCFDGFDIWGQGTMVTVSSASTKGPSVFPLAPSSKSTSGGTAALGCLVKDYFPEPV
TVSWNSGALTSGVHTFPAVLQSSGLYSLSSVVTVPSSSLGTQTYICNVNHKPSNTKVDKKVEPKSCDK
;
H
3 'polypeptide(L)'
;EIVLTQSPGTLSLSPGERATLSCRASQSVSSSYLAWYQQKPGQAPRLLIYGASSRATGFPDRFSGSGSGTDFTLTISRLE
PEDFAVYYCQQYGNSPWTFGQGTKVEIRRTVAAPSVFIFPPSDEQLKSGTASVVCLLNNFYPREAKVQWKVDNALQSGNS
QESVTEQDSKDSTYSLSSTLTLSKADYEKHKVYACEVTHQGLSSPVTKSFNRGEC
;
L
4 'polypeptide(L)'
;QVQLVESGGGVVQPGRSLRLSCAASGFTFSSYAFHWVRQAPGKGLEWVAVISYDGSNQYYADSVKGRFTISRDNSKNTLY
LQMNSLRADDTAVYYCARDLAIAVAGTWHYYNGMDVWGQGTTVTVSS
;
D
5 'polypeptide(L)'
;DIQMTQSPSSVSASVGDRVIITCRASQGISSWLAWYQQKPGKAPKVLIYDASSLQSGVPSRFSGSGYGTDFTLTISSLQP
EDSATYYCQQAKSFPITFGQGTRLEIK
;
E
#
# COMPACT_ATOMS: atom_id res chain seq x y z
N ILE A 1 -63.00 15.85 -4.23
CA ILE A 1 -61.54 15.91 -4.21
C ILE A 1 -61.03 15.82 -5.63
N THR A 2 -61.01 16.96 -6.32
CA THR A 2 -60.64 16.96 -7.74
C THR A 2 -59.12 16.94 -7.90
N ASN A 3 -58.46 18.00 -7.43
CA ASN A 3 -57.01 18.05 -7.51
C ASN A 3 -56.38 16.98 -6.64
N LEU A 4 -55.09 16.74 -6.84
CA LEU A 4 -54.36 15.81 -5.99
C LEU A 4 -52.88 16.12 -6.11
N CYS A 5 -52.14 15.79 -5.05
CA CYS A 5 -50.77 16.25 -4.93
C CYS A 5 -49.82 15.14 -5.37
N PRO A 6 -48.88 15.40 -6.26
CA PRO A 6 -48.09 14.30 -6.82
C PRO A 6 -46.95 13.85 -5.92
N PHE A 7 -47.14 12.70 -5.27
CA PHE A 7 -46.09 12.09 -4.47
C PHE A 7 -45.43 10.92 -5.17
N GLY A 8 -46.07 10.37 -6.19
CA GLY A 8 -45.46 9.27 -6.94
C GLY A 8 -44.31 9.69 -7.83
N GLU A 9 -44.14 10.99 -8.05
CA GLU A 9 -43.00 11.52 -8.78
C GLU A 9 -41.83 11.88 -7.87
N VAL A 10 -41.94 11.62 -6.56
CA VAL A 10 -40.85 11.86 -5.63
C VAL A 10 -40.41 10.53 -5.03
N PHE A 11 -41.35 9.60 -4.86
CA PHE A 11 -41.08 8.30 -4.27
C PHE A 11 -40.82 7.24 -5.33
N ASN A 12 -41.68 7.16 -6.34
CA ASN A 12 -41.53 6.19 -7.43
C ASN A 12 -40.78 6.83 -8.61
N ALA A 13 -39.57 7.30 -8.32
CA ALA A 13 -38.72 7.94 -9.31
C ALA A 13 -37.54 7.04 -9.64
N THR A 14 -37.15 7.03 -10.91
CA THR A 14 -36.10 6.11 -11.36
C THR A 14 -34.72 6.54 -10.86
N ARG A 15 -34.24 7.70 -11.31
CA ARG A 15 -33.00 8.28 -10.80
C ARG A 15 -33.34 9.08 -9.55
N PHE A 16 -32.55 8.90 -8.49
CA PHE A 16 -33.02 9.36 -7.20
C PHE A 16 -31.94 10.17 -6.47
N ALA A 17 -30.97 10.71 -7.22
CA ALA A 17 -30.01 11.71 -6.75
C ALA A 17 -29.03 11.20 -5.70
N SER A 18 -28.04 12.02 -5.36
CA SER A 18 -26.97 11.68 -4.44
C SER A 18 -27.00 12.60 -3.22
N VAL A 19 -26.26 12.19 -2.18
CA VAL A 19 -26.37 12.86 -0.89
C VAL A 19 -25.74 14.24 -0.92
N TYR A 20 -24.57 14.38 -1.54
CA TYR A 20 -23.88 15.67 -1.54
C TYR A 20 -24.45 16.64 -2.57
N ALA A 21 -25.31 16.18 -3.47
CA ALA A 21 -25.97 17.00 -4.47
C ALA A 21 -27.47 16.75 -4.45
N TRP A 22 -28.05 16.79 -3.25
CA TRP A 22 -29.43 16.38 -3.06
C TRP A 22 -30.38 17.26 -3.86
N ASN A 23 -31.50 16.68 -4.27
CA ASN A 23 -32.50 17.35 -5.08
C ASN A 23 -33.67 17.80 -4.21
N ARG A 24 -34.25 18.93 -4.57
CA ARG A 24 -35.36 19.52 -3.82
C ARG A 24 -36.47 19.92 -4.78
N LYS A 25 -37.70 19.55 -4.44
CA LYS A 25 -38.86 19.84 -5.26
C LYS A 25 -39.90 20.58 -4.42
N ARG A 26 -40.29 21.77 -4.86
CA ARG A 26 -41.30 22.53 -4.14
C ARG A 26 -42.69 22.06 -4.52
N ILE A 27 -43.56 21.94 -3.52
CA ILE A 27 -44.91 21.42 -3.67
C ILE A 27 -45.89 22.47 -3.16
N SER A 28 -46.89 22.79 -3.98
CA SER A 28 -47.89 23.78 -3.57
C SER A 28 -49.11 23.65 -4.46
N ASN A 29 -50.21 24.27 -4.00
CA ASN A 29 -51.47 24.36 -4.76
C ASN A 29 -52.05 22.99 -5.07
N CYS A 30 -51.93 22.06 -4.11
CA CYS A 30 -52.46 20.72 -4.25
C CYS A 30 -53.31 20.40 -3.01
N VAL A 31 -53.74 19.14 -2.90
CA VAL A 31 -54.43 18.64 -1.73
C VAL A 31 -53.82 17.30 -1.38
N ALA A 32 -52.83 17.31 -0.48
CA ALA A 32 -52.04 16.12 -0.21
C ALA A 32 -52.83 15.11 0.62
N ASP A 33 -52.49 13.84 0.45
CA ASP A 33 -53.08 12.74 1.20
C ASP A 33 -51.96 12.03 1.93
N TYR A 34 -51.91 12.19 3.25
CA TYR A 34 -50.89 11.55 4.07
C TYR A 34 -51.33 10.21 4.62
N SER A 35 -52.52 9.73 4.25
CA SER A 35 -53.02 8.43 4.67
C SER A 35 -52.62 7.33 3.72
N VAL A 36 -51.84 7.65 2.70
CA VAL A 36 -51.27 6.65 1.80
C VAL A 36 -49.79 6.47 2.00
N LEU A 37 -49.14 7.28 2.83
CA LEU A 37 -47.73 7.14 3.16
C LEU A 37 -47.52 6.52 4.53
N TYR A 38 -48.15 7.07 5.56
CA TYR A 38 -48.03 6.48 6.89
C TYR A 38 -48.67 5.10 6.95
N ASN A 39 -49.91 5.00 6.49
CA ASN A 39 -50.66 3.74 6.58
C ASN A 39 -50.52 2.91 5.31
N SER A 40 -49.28 2.66 4.89
CA SER A 40 -49.02 1.86 3.70
C SER A 40 -47.51 1.65 3.55
N ALA A 41 -47.16 0.91 2.49
CA ALA A 41 -45.80 0.77 2.00
C ALA A 41 -44.90 -0.05 2.91
N SER A 42 -43.59 0.11 2.75
CA SER A 42 -42.60 -0.69 3.46
C SER A 42 -41.52 0.19 4.08
N PHE A 43 -41.88 1.42 4.45
CA PHE A 43 -40.92 2.36 5.00
C PHE A 43 -40.37 1.86 6.33
N SER A 44 -39.06 1.63 6.38
CA SER A 44 -38.45 1.12 7.61
C SER A 44 -38.53 2.13 8.74
N THR A 45 -38.22 3.40 8.46
CA THR A 45 -38.28 4.45 9.46
C THR A 45 -39.26 5.53 9.02
N PHE A 46 -40.17 5.89 9.93
CA PHE A 46 -41.11 6.98 9.70
C PHE A 46 -41.11 7.85 10.96
N LYS A 47 -40.17 8.79 11.02
CA LYS A 47 -40.03 9.69 12.16
C LYS A 47 -40.58 11.05 11.78
N CYS A 48 -41.45 11.59 12.62
CA CYS A 48 -42.05 12.90 12.38
C CYS A 48 -41.62 13.83 13.51
N TYR A 49 -40.47 14.47 13.33
CA TYR A 49 -40.02 15.50 14.27
C TYR A 49 -40.95 16.70 14.19
N GLY A 50 -41.27 17.25 15.35
CA GLY A 50 -42.25 18.32 15.41
C GLY A 50 -43.64 17.80 15.67
N VAL A 51 -44.41 17.61 14.60
CA VAL A 51 -45.79 17.16 14.70
C VAL A 51 -45.85 15.65 14.50
N SER A 52 -46.98 15.05 14.94
CA SER A 52 -47.15 13.60 14.99
C SER A 52 -47.72 13.07 13.67
N PRO A 53 -47.48 11.79 13.38
CA PRO A 53 -48.01 11.20 12.13
C PRO A 53 -49.51 11.29 11.97
N THR A 54 -50.25 11.06 13.05
CA THR A 54 -51.69 11.22 13.05
C THR A 54 -52.02 12.72 13.09
N LYS A 55 -53.25 13.05 12.69
CA LYS A 55 -53.71 14.44 12.68
C LYS A 55 -52.85 15.29 11.76
N LEU A 56 -52.23 14.65 10.77
CA LEU A 56 -51.49 15.33 9.73
C LEU A 56 -52.37 15.71 8.55
N ASN A 57 -53.54 15.10 8.41
CA ASN A 57 -54.51 15.48 7.41
C ASN A 57 -55.35 16.67 7.83
N ASP A 58 -55.12 17.19 9.03
CA ASP A 58 -55.83 18.36 9.53
C ASP A 58 -55.08 19.65 9.22
N LEU A 59 -53.85 19.76 9.72
CA LEU A 59 -53.05 20.96 9.54
C LEU A 59 -52.70 21.18 8.08
N CYS A 60 -52.66 22.44 7.68
CA CYS A 60 -52.31 22.76 6.31
C CYS A 60 -51.49 24.03 6.24
N PHE A 61 -50.45 24.00 5.42
CA PHE A 61 -49.38 25.00 5.40
C PHE A 61 -49.29 25.61 4.01
N THR A 62 -48.27 26.44 3.82
CA THR A 62 -48.10 27.19 2.57
C THR A 62 -47.28 26.44 1.54
N ASN A 63 -46.17 25.84 1.93
CA ASN A 63 -45.32 25.11 1.00
C ASN A 63 -44.75 23.87 1.68
N VAL A 64 -44.41 22.87 0.88
CA VAL A 64 -43.74 21.66 1.35
C VAL A 64 -42.58 21.37 0.42
N TYR A 65 -41.41 21.10 1.00
CA TYR A 65 -40.20 20.82 0.24
C TYR A 65 -39.80 19.37 0.45
N ALA A 66 -39.53 18.66 -0.63
CA ALA A 66 -39.11 17.26 -0.57
C ALA A 66 -37.65 17.16 -0.98
N ASP A 67 -36.83 16.58 -0.11
CA ASP A 67 -35.41 16.37 -0.37
C ASP A 67 -35.15 14.89 -0.45
N SER A 68 -34.54 14.44 -1.55
CA SER A 68 -34.32 13.03 -1.80
C SER A 68 -32.86 12.77 -2.09
N PHE A 69 -32.32 11.69 -1.53
CA PHE A 69 -30.93 11.31 -1.71
C PHE A 69 -30.75 9.88 -1.23
N VAL A 70 -29.53 9.37 -1.33
CA VAL A 70 -29.21 8.00 -0.96
C VAL A 70 -27.99 7.99 -0.05
N ILE A 71 -28.06 7.24 1.04
CA ILE A 71 -26.96 7.10 1.99
C ILE A 71 -26.79 5.62 2.32
N ARG A 72 -25.89 5.36 3.27
CA ARG A 72 -25.59 3.99 3.70
C ARG A 72 -26.66 3.52 4.67
N GLY A 73 -26.42 2.38 5.32
CA GLY A 73 -27.40 1.79 6.20
C GLY A 73 -27.37 2.31 7.62
N ASP A 74 -26.18 2.37 8.21
CA ASP A 74 -26.00 2.86 9.57
C ASP A 74 -25.80 4.36 9.63
N GLU A 75 -26.17 5.08 8.57
CA GLU A 75 -26.01 6.52 8.50
C GLU A 75 -27.34 7.25 8.48
N VAL A 76 -28.44 6.56 8.77
CA VAL A 76 -29.77 7.19 8.77
C VAL A 76 -30.11 7.80 10.12
N ARG A 77 -29.33 7.54 11.17
CA ARG A 77 -29.56 8.18 12.45
C ARG A 77 -28.95 9.57 12.52
N GLN A 78 -28.10 9.93 11.56
CA GLN A 78 -27.50 11.26 11.52
C GLN A 78 -28.42 12.30 10.91
N ILE A 79 -29.57 11.89 10.38
CA ILE A 79 -30.57 12.83 9.86
C ILE A 79 -31.56 13.06 11.00
N ALA A 80 -31.28 14.04 11.84
CA ALA A 80 -32.15 14.39 12.95
C ALA A 80 -31.74 15.76 13.48
N PRO A 81 -32.68 16.53 14.03
CA PRO A 81 -32.31 17.79 14.67
C PRO A 81 -31.19 17.61 15.68
N GLY A 82 -30.03 18.21 15.40
CA GLY A 82 -28.84 17.96 16.18
C GLY A 82 -27.92 16.99 15.48
N GLN A 83 -27.32 16.07 16.23
CA GLN A 83 -26.50 14.98 15.70
C GLN A 83 -25.19 15.48 15.10
N THR A 84 -24.14 14.67 15.25
CA THR A 84 -22.82 14.99 14.71
C THR A 84 -22.23 13.74 14.08
N GLY A 85 -21.51 13.93 12.99
CA GLY A 85 -20.90 12.82 12.29
C GLY A 85 -20.15 13.27 11.05
N LYS A 86 -20.36 12.58 9.93
CA LYS A 86 -19.77 12.95 8.67
C LYS A 86 -20.78 13.35 7.61
N ILE A 87 -22.03 12.89 7.72
CA ILE A 87 -23.08 13.36 6.82
C ILE A 87 -23.77 14.60 7.37
N ALA A 88 -23.97 14.67 8.68
CA ALA A 88 -24.57 15.84 9.30
C ALA A 88 -23.57 16.95 9.52
N ASP A 89 -22.39 16.86 8.91
CA ASP A 89 -21.35 17.86 9.04
C ASP A 89 -20.89 18.42 7.71
N TYR A 90 -20.80 17.59 6.67
CA TYR A 90 -20.28 18.02 5.39
C TYR A 90 -21.25 17.86 4.23
N ASN A 91 -22.34 17.10 4.39
CA ASN A 91 -23.23 16.77 3.29
C ASN A 91 -24.62 17.37 3.44
N TYR A 92 -25.28 17.14 4.58
CA TYR A 92 -26.68 17.56 4.74
C TYR A 92 -26.93 17.84 6.21
N LYS A 93 -27.00 19.11 6.57
CA LYS A 93 -27.27 19.53 7.94
C LYS A 93 -28.73 19.90 8.09
N LEU A 94 -29.32 19.49 9.21
CA LEU A 94 -30.74 19.68 9.47
C LEU A 94 -30.91 20.57 10.69
N PRO A 95 -31.74 21.61 10.63
CA PRO A 95 -31.80 22.58 11.72
C PRO A 95 -32.32 21.96 13.01
N ASP A 96 -31.96 22.58 14.12
CA ASP A 96 -32.32 22.08 15.45
C ASP A 96 -33.79 22.29 15.78
N ASP A 97 -34.46 23.21 15.11
CA ASP A 97 -35.90 23.44 15.29
C ASP A 97 -36.57 23.02 13.99
N PHE A 98 -36.87 21.73 13.88
CA PHE A 98 -37.31 21.13 12.62
C PHE A 98 -38.75 20.66 12.75
N THR A 99 -39.56 20.96 11.73
CA THR A 99 -40.92 20.49 11.62
C THR A 99 -41.05 19.75 10.30
N GLY A 100 -41.18 18.43 10.35
CA GLY A 100 -41.24 17.63 9.14
C GLY A 100 -41.20 16.16 9.46
N CYS A 101 -40.89 15.37 8.44
CA CYS A 101 -40.86 13.91 8.55
C CYS A 101 -39.61 13.38 7.87
N VAL A 102 -39.17 12.20 8.31
CA VAL A 102 -38.04 11.49 7.72
C VAL A 102 -38.50 10.10 7.34
N ILE A 103 -38.27 9.70 6.09
CA ILE A 103 -38.69 8.41 5.57
C ILE A 103 -37.51 7.75 4.87
N ALA A 104 -37.35 6.44 5.10
CA ALA A 104 -36.28 5.70 4.45
C ALA A 104 -36.67 4.24 4.32
N TRP A 105 -36.34 3.64 3.18
CA TRP A 105 -36.60 2.24 2.93
C TRP A 105 -35.40 1.62 2.23
N ASN A 106 -35.21 0.32 2.45
CA ASN A 106 -34.05 -0.40 1.92
C ASN A 106 -34.24 -0.62 0.43
N SER A 107 -33.50 0.11 -0.39
CA SER A 107 -33.45 -0.12 -1.83
C SER A 107 -32.10 -0.77 -2.14
N ASN A 108 -32.03 -2.08 -1.97
CA ASN A 108 -30.83 -2.84 -2.29
C ASN A 108 -30.92 -3.54 -3.63
N ASN A 109 -32.13 -3.87 -4.09
CA ASN A 109 -32.27 -4.50 -5.39
C ASN A 109 -31.96 -3.54 -6.53
N LEU A 110 -32.17 -2.24 -6.31
CA LEU A 110 -32.04 -1.26 -7.37
C LEU A 110 -30.70 -0.55 -7.38
N ASP A 111 -30.03 -0.42 -6.23
CA ASP A 111 -28.80 0.35 -6.12
C ASP A 111 -27.61 -0.52 -5.71
N SER A 112 -27.53 -1.74 -6.21
CA SER A 112 -26.40 -2.60 -5.91
C SER A 112 -25.95 -3.31 -7.18
N LYS A 113 -24.63 -3.37 -7.37
CA LYS A 113 -24.02 -3.92 -8.56
C LYS A 113 -22.87 -4.82 -8.16
N VAL A 114 -22.67 -5.89 -8.93
CA VAL A 114 -21.54 -6.77 -8.68
C VAL A 114 -20.25 -6.04 -9.06
N GLY A 115 -19.38 -5.84 -8.08
CA GLY A 115 -18.16 -5.09 -8.33
C GLY A 115 -18.15 -3.74 -7.63
N GLY A 116 -19.30 -3.09 -7.60
CA GLY A 116 -19.41 -1.80 -6.93
C GLY A 116 -20.10 -0.74 -7.75
N ASN A 117 -21.06 -0.04 -7.15
CA ASN A 117 -21.75 1.05 -7.81
C ASN A 117 -20.89 2.30 -7.78
N TYR A 118 -20.59 2.86 -8.95
CA TYR A 118 -19.70 4.00 -9.05
C TYR A 118 -20.43 5.34 -8.97
N ASN A 119 -21.73 5.33 -8.80
CA ASN A 119 -22.48 6.54 -8.51
C ASN A 119 -22.56 6.72 -7.00
N TYR A 120 -23.36 7.68 -6.55
CA TYR A 120 -23.66 7.88 -5.13
C TYR A 120 -22.38 8.13 -4.33
N LEU A 121 -21.76 9.26 -4.61
CA LEU A 121 -20.62 9.75 -3.86
C LEU A 121 -21.10 10.54 -2.64
N TYR A 122 -20.18 10.78 -1.71
CA TYR A 122 -20.47 11.63 -0.56
C TYR A 122 -19.24 12.47 -0.25
N ARG A 123 -19.48 13.66 0.32
CA ARG A 123 -18.41 14.61 0.53
C ARG A 123 -17.57 14.25 1.74
N LEU A 124 -16.26 14.43 1.59
CA LEU A 124 -15.29 14.22 2.65
C LEU A 124 -14.28 15.36 2.57
N PHE A 125 -13.58 15.61 3.68
CA PHE A 125 -12.51 16.60 3.71
C PHE A 125 -13.05 18.01 3.38
N ARG A 126 -13.83 18.55 4.31
CA ARG A 126 -14.28 19.93 4.23
C ARG A 126 -13.69 20.73 5.39
N LYS A 127 -13.62 22.05 5.20
CA LYS A 127 -13.04 22.93 6.22
C LYS A 127 -14.03 23.22 7.34
N SER A 128 -15.16 23.84 7.02
CA SER A 128 -16.15 24.23 8.01
C SER A 128 -17.13 23.08 8.24
N ASN A 129 -18.23 23.37 8.93
CA ASN A 129 -19.22 22.36 9.27
C ASN A 129 -20.58 22.61 8.62
N LEU A 130 -20.62 23.42 7.57
CA LEU A 130 -21.83 23.63 6.77
C LEU A 130 -22.91 24.31 7.60
N LYS A 131 -24.03 24.66 6.97
CA LYS A 131 -25.13 25.34 7.62
C LYS A 131 -26.44 24.62 7.28
N PRO A 132 -27.49 24.81 8.07
CA PRO A 132 -28.75 24.11 7.81
C PRO A 132 -29.27 24.39 6.40
N PHE A 133 -29.66 23.32 5.71
CA PHE A 133 -30.26 23.39 4.38
C PHE A 133 -29.35 24.12 3.39
N GLU A 134 -28.07 23.74 3.38
CA GLU A 134 -27.09 24.32 2.47
C GLU A 134 -26.43 23.21 1.68
N ARG A 135 -26.27 23.43 0.37
CA ARG A 135 -25.60 22.48 -0.51
C ARG A 135 -24.26 23.02 -0.96
N ASP A 136 -23.34 22.11 -1.27
CA ASP A 136 -22.08 22.46 -1.91
C ASP A 136 -21.76 21.38 -2.93
N ILE A 137 -21.41 21.81 -4.15
CA ILE A 137 -21.16 20.86 -5.23
C ILE A 137 -19.79 21.11 -5.85
N SER A 138 -18.99 21.97 -5.22
CA SER A 138 -17.66 22.26 -5.73
C SER A 138 -16.76 21.04 -5.60
N THR A 139 -15.93 20.82 -6.61
CA THR A 139 -14.94 19.74 -6.60
C THR A 139 -13.57 20.38 -6.79
N GLU A 140 -12.97 20.82 -5.70
CA GLU A 140 -11.65 21.42 -5.70
C GLU A 140 -10.75 20.65 -4.74
N ILE A 141 -9.46 20.61 -5.05
CA ILE A 141 -8.53 19.84 -4.24
C ILE A 141 -8.49 20.43 -2.84
N TYR A 142 -8.66 19.57 -1.84
CA TYR A 142 -8.70 20.02 -0.44
C TYR A 142 -7.29 20.31 0.04
N GLN A 143 -7.02 21.56 0.39
CA GLN A 143 -5.72 21.96 0.89
C GLN A 143 -5.72 21.82 2.41
N ALA A 144 -4.96 20.85 2.92
CA ALA A 144 -4.93 20.56 4.34
C ALA A 144 -3.68 21.10 5.04
N GLY A 145 -2.92 21.96 4.37
CA GLY A 145 -1.69 22.48 4.95
C GLY A 145 -1.42 23.89 4.46
N SER A 146 -0.25 24.40 4.83
CA SER A 146 0.11 25.77 4.44
C SER A 146 0.42 25.86 2.95
N THR A 147 1.10 24.86 2.40
CA THR A 147 1.56 24.95 1.01
C THR A 147 0.38 24.83 0.04
N PRO A 148 0.22 25.76 -0.90
CA PRO A 148 -0.89 25.68 -1.84
C PRO A 148 -0.77 24.46 -2.75
N CYS A 149 -1.93 23.96 -3.18
CA CYS A 149 -2.02 22.85 -4.11
C CYS A 149 -2.48 23.41 -5.45
N ASN A 150 -1.56 23.44 -6.43
CA ASN A 150 -1.84 24.05 -7.72
C ASN A 150 -2.56 23.08 -8.66
N GLY A 151 -3.71 22.59 -8.18
CA GLY A 151 -4.55 21.72 -8.97
C GLY A 151 -4.09 20.28 -9.06
N VAL A 152 -3.03 19.91 -8.36
CA VAL A 152 -2.48 18.55 -8.42
C VAL A 152 -2.54 17.95 -7.03
N GLU A 153 -2.97 16.69 -6.96
CA GLU A 153 -3.07 16.00 -5.69
C GLU A 153 -1.70 15.43 -5.29
N GLY A 154 -1.58 15.08 -4.02
CA GLY A 154 -0.34 14.57 -3.49
C GLY A 154 -0.32 14.57 -1.98
N PHE A 155 0.75 15.09 -1.39
CA PHE A 155 0.83 15.21 0.05
C PHE A 155 0.11 16.48 0.49
N ASN A 156 -0.85 16.33 1.41
CA ASN A 156 -1.68 17.40 1.92
C ASN A 156 -2.56 18.04 0.85
N CYS A 157 -2.86 17.31 -0.22
CA CYS A 157 -3.82 17.74 -1.24
C CYS A 157 -4.61 16.52 -1.66
N TYR A 158 -5.92 16.52 -1.34
CA TYR A 158 -6.75 15.35 -1.55
C TYR A 158 -8.02 15.72 -2.28
N PHE A 159 -8.55 14.75 -3.05
CA PHE A 159 -9.86 14.92 -3.66
C PHE A 159 -10.94 14.87 -2.58
N PRO A 160 -11.93 15.75 -2.63
CA PRO A 160 -12.86 15.87 -1.50
C PRO A 160 -14.07 14.96 -1.57
N LEU A 161 -14.06 13.92 -2.41
CA LEU A 161 -15.21 13.04 -2.53
C LEU A 161 -14.76 11.58 -2.48
N GLN A 162 -15.56 10.76 -1.80
CA GLN A 162 -15.34 9.33 -1.71
C GLN A 162 -16.58 8.61 -2.23
N SER A 163 -16.37 7.52 -2.95
CA SER A 163 -17.45 6.81 -3.62
C SER A 163 -17.95 5.67 -2.74
N TYR A 164 -19.26 5.64 -2.50
CA TYR A 164 -19.88 4.48 -1.88
C TYR A 164 -19.68 3.26 -2.77
N GLY A 165 -19.21 2.17 -2.18
CA GLY A 165 -19.11 0.93 -2.92
C GLY A 165 -20.25 0.01 -2.55
N PHE A 166 -21.26 -0.06 -3.40
CA PHE A 166 -22.47 -0.83 -3.11
C PHE A 166 -22.42 -2.14 -3.87
N GLN A 167 -22.52 -3.24 -3.15
CA GLN A 167 -22.54 -4.59 -3.70
C GLN A 167 -23.70 -5.34 -3.07
N PRO A 168 -24.20 -6.40 -3.72
CA PRO A 168 -25.36 -7.11 -3.16
C PRO A 168 -25.05 -7.95 -1.94
N THR A 169 -23.80 -7.95 -1.44
CA THR A 169 -23.44 -8.65 -0.21
C THR A 169 -22.57 -7.72 0.63
N ASN A 170 -23.22 -6.92 1.47
CA ASN A 170 -22.50 -5.99 2.33
C ASN A 170 -22.97 -6.01 3.78
N GLY A 171 -24.05 -6.72 4.09
CA GLY A 171 -24.60 -6.68 5.43
C GLY A 171 -25.55 -5.51 5.57
N VAL A 172 -26.50 -5.60 6.51
CA VAL A 172 -27.56 -4.61 6.60
C VAL A 172 -26.98 -3.23 6.93
N GLY A 173 -25.84 -3.19 7.61
CA GLY A 173 -25.25 -1.93 7.98
C GLY A 173 -24.59 -1.15 6.87
N TYR A 174 -24.49 -1.73 5.67
CA TYR A 174 -23.85 -1.06 4.55
C TYR A 174 -24.72 -1.04 3.30
N GLN A 175 -25.91 -1.64 3.33
CA GLN A 175 -26.75 -1.66 2.15
C GLN A 175 -27.36 -0.27 1.91
N PRO A 176 -27.66 0.07 0.66
CA PRO A 176 -28.18 1.40 0.37
C PRO A 176 -29.58 1.62 0.94
N TYR A 177 -29.87 2.87 1.26
CA TYR A 177 -31.18 3.30 1.72
C TYR A 177 -31.56 4.56 0.98
N ARG A 178 -32.84 4.69 0.62
CA ARG A 178 -33.35 5.88 -0.05
C ARG A 178 -34.13 6.72 0.95
N VAL A 179 -33.79 8.00 1.06
CA VAL A 179 -34.30 8.87 2.12
C VAL A 179 -35.04 10.03 1.48
N VAL A 180 -36.22 10.34 2.02
CA VAL A 180 -37.02 11.49 1.60
C VAL A 180 -37.38 12.30 2.84
N VAL A 181 -37.14 13.61 2.80
CA VAL A 181 -37.38 14.50 3.92
C VAL A 181 -38.37 15.56 3.49
N LEU A 182 -39.50 15.66 4.20
CA LEU A 182 -40.51 16.67 3.94
C LEU A 182 -40.40 17.77 4.98
N SER A 183 -40.50 19.02 4.53
CA SER A 183 -40.37 20.18 5.40
C SER A 183 -41.59 21.05 5.24
N PHE A 184 -42.31 21.27 6.33
CA PHE A 184 -43.54 22.06 6.31
C PHE A 184 -43.24 23.50 6.71
N GLU A 185 -43.65 24.43 5.85
CA GLU A 185 -43.35 25.85 6.05
C GLU A 185 -44.64 26.66 6.06
N LEU A 186 -44.86 27.38 7.14
CA LEU A 186 -45.96 28.34 7.26
C LEU A 186 -45.32 29.72 7.41
N LEU A 187 -45.20 30.46 6.32
CA LEU A 187 -44.50 31.74 6.32
C LEU A 187 -45.47 32.84 5.90
N HIS A 188 -46.25 33.32 6.88
CA HIS A 188 -47.09 34.51 6.78
C HIS A 188 -47.73 34.65 5.39
N ALA A 189 -48.34 33.57 4.93
CA ALA A 189 -48.92 33.56 3.60
C ALA A 189 -50.10 32.61 3.58
N PRO A 190 -51.12 32.88 2.76
CA PRO A 190 -52.26 31.96 2.67
C PRO A 190 -51.82 30.58 2.21
N ALA A 191 -52.39 29.56 2.84
CA ALA A 191 -51.99 28.19 2.61
C ALA A 191 -52.47 27.70 1.24
N THR A 192 -51.75 26.72 0.69
CA THR A 192 -52.15 26.13 -0.58
C THR A 192 -52.01 24.62 -0.59
N VAL A 193 -51.68 23.97 0.53
CA VAL A 193 -51.43 22.54 0.55
C VAL A 193 -52.40 21.89 1.53
N CYS A 194 -53.63 22.37 1.59
CA CYS A 194 -54.56 21.92 2.61
C CYS A 194 -55.16 20.56 2.28
N GLY A 195 -55.30 19.71 3.30
CA GLY A 195 -55.71 18.33 3.12
C GLY A 195 -57.20 18.19 2.89
N PRO A 196 -57.64 16.92 2.70
CA PRO A 196 -59.01 16.51 2.36
C PRO A 196 -60.07 16.86 3.40
N MET B 2 1.14 12.30 20.13
CA MET B 2 2.56 12.62 20.02
C MET B 2 3.40 11.35 20.01
N GLN B 3 2.76 10.22 19.71
CA GLN B 3 3.45 8.94 19.70
C GLN B 3 2.94 8.09 18.54
N LEU B 4 3.81 7.24 18.03
CA LEU B 4 3.42 6.15 17.13
C LEU B 4 4.11 4.89 17.66
N VAL B 5 3.48 4.23 18.62
CA VAL B 5 4.04 3.03 19.23
C VAL B 5 3.82 1.85 18.30
N GLN B 6 4.87 1.04 18.12
CA GLN B 6 4.82 -0.08 17.20
C GLN B 6 4.68 -1.39 17.98
N SER B 7 4.71 -2.50 17.24
CA SER B 7 4.64 -3.82 17.85
C SER B 7 6.03 -4.24 18.33
N GLY B 8 6.16 -5.48 18.78
CA GLY B 8 7.43 -5.98 19.26
C GLY B 8 8.24 -6.64 18.15
N PRO B 9 9.47 -7.01 18.47
CA PRO B 9 10.31 -7.69 17.47
C PRO B 9 9.76 -9.07 17.15
N GLU B 10 10.03 -9.52 15.92
CA GLU B 10 9.56 -10.82 15.46
C GLU B 10 10.69 -11.52 14.73
N VAL B 11 10.63 -12.85 14.73
CA VAL B 11 11.55 -13.69 13.97
C VAL B 11 10.74 -14.68 13.15
N LYS B 12 10.74 -14.50 11.84
CA LYS B 12 9.92 -15.29 10.95
C LYS B 12 10.77 -16.35 10.25
N LYS B 13 10.17 -17.03 9.27
CA LYS B 13 10.81 -18.03 8.45
C LYS B 13 10.66 -17.65 6.99
N PRO B 14 11.58 -18.09 6.11
CA PRO B 14 11.48 -17.69 4.71
C PRO B 14 10.24 -18.27 4.05
N GLY B 15 9.56 -17.44 3.26
CA GLY B 15 8.37 -17.83 2.56
C GLY B 15 7.06 -17.44 3.23
N THR B 16 7.09 -17.15 4.52
CA THR B 16 5.88 -16.83 5.26
C THR B 16 5.55 -15.34 5.09
N SER B 17 4.62 -14.84 5.88
CA SER B 17 4.20 -13.45 5.85
C SER B 17 4.32 -12.85 7.25
N VAL B 18 4.10 -11.53 7.33
CA VAL B 18 4.28 -10.80 8.58
C VAL B 18 3.45 -9.53 8.51
N LYS B 19 2.89 -9.13 9.65
CA LYS B 19 2.11 -7.91 9.76
C LYS B 19 2.65 -7.07 10.91
N VAL B 20 2.82 -5.77 10.66
CA VAL B 20 3.40 -4.84 11.63
C VAL B 20 2.39 -3.74 11.91
N SER B 21 2.26 -3.37 13.18
CA SER B 21 1.29 -2.39 13.63
C SER B 21 1.95 -1.08 14.00
N CYS B 22 1.15 -0.01 13.99
CA CYS B 22 1.63 1.34 14.31
C CYS B 22 0.44 2.14 14.84
N LYS B 23 0.32 2.24 16.16
CA LYS B 23 -0.84 2.85 16.79
C LYS B 23 -0.56 4.30 17.14
N ALA B 24 -1.49 5.19 16.77
CA ALA B 24 -1.34 6.61 17.00
C ALA B 24 -2.02 7.04 18.29
N SER B 25 -1.50 8.10 18.89
CA SER B 25 -2.04 8.62 20.14
C SER B 25 -1.60 10.06 20.32
N GLY B 26 -2.53 10.91 20.71
CA GLY B 26 -2.23 12.31 20.99
C GLY B 26 -2.64 13.30 19.91
N PHE B 27 -3.15 12.83 18.77
CA PHE B 27 -3.56 13.75 17.71
C PHE B 27 -4.72 13.13 16.95
N THR B 28 -5.33 13.94 16.10
CA THR B 28 -6.50 13.52 15.32
C THR B 28 -6.02 12.64 14.18
N PHE B 29 -6.12 11.32 14.36
CA PHE B 29 -5.65 10.37 13.37
C PHE B 29 -6.51 10.35 12.11
N THR B 30 -7.72 10.91 12.16
CA THR B 30 -8.64 10.80 11.03
C THR B 30 -8.07 11.46 9.79
N SER B 31 -7.47 12.63 9.94
CA SER B 31 -6.90 13.38 8.83
C SER B 31 -5.39 13.40 8.99
N SER B 32 -4.72 12.45 8.33
CA SER B 32 -3.27 12.34 8.37
C SER B 32 -2.84 11.40 7.24
N ALA B 33 -1.57 11.02 7.24
CA ALA B 33 -1.04 10.07 6.28
C ALA B 33 0.14 9.36 6.91
N VAL B 34 0.25 8.06 6.67
CA VAL B 34 1.29 7.24 7.29
C VAL B 34 2.15 6.64 6.19
N GLN B 35 3.46 6.83 6.31
CA GLN B 35 4.42 6.25 5.38
C GLN B 35 5.29 5.24 6.11
N TRP B 36 5.81 4.27 5.36
CA TRP B 36 6.64 3.21 5.90
C TRP B 36 7.99 3.23 5.23
N VAL B 37 9.04 2.96 6.01
CA VAL B 37 10.40 2.93 5.52
C VAL B 37 11.08 1.64 5.99
N ARG B 38 12.37 1.53 5.71
CA ARG B 38 13.14 0.33 6.00
C ARG B 38 14.60 0.70 6.15
N GLN B 39 15.29 0.01 7.05
CA GLN B 39 16.72 0.19 7.20
C GLN B 39 17.35 -1.09 7.74
N ALA B 40 18.49 -1.45 7.17
CA ALA B 40 19.24 -2.62 7.62
C ALA B 40 20.30 -2.15 8.61
N ARG B 41 21.17 -3.05 9.02
CA ARG B 41 22.23 -2.71 9.97
C ARG B 41 23.38 -2.07 9.21
N GLY B 42 23.59 -0.78 9.44
CA GLY B 42 24.67 -0.06 8.81
C GLY B 42 24.41 0.41 7.40
N GLN B 43 23.18 0.28 6.91
CA GLN B 43 22.84 0.66 5.55
C GLN B 43 21.94 1.89 5.57
N ARG B 44 21.57 2.34 4.39
CA ARG B 44 20.79 3.56 4.22
C ARG B 44 19.29 3.26 4.28
N LEU B 45 18.51 4.33 4.41
CA LEU B 45 17.06 4.20 4.47
C LEU B 45 16.49 3.86 3.10
N GLU B 46 15.32 3.21 3.12
CA GLU B 46 14.58 2.88 1.91
C GLU B 46 13.12 3.24 2.11
N TRP B 47 12.40 3.39 1.00
CA TRP B 47 11.00 3.79 1.03
C TRP B 47 10.13 2.63 0.57
N ILE B 48 8.95 2.50 1.16
CA ILE B 48 8.05 1.39 0.86
C ILE B 48 6.75 1.90 0.25
N GLY B 49 6.00 2.70 1.00
CA GLY B 49 4.75 3.23 0.50
C GLY B 49 4.06 4.06 1.57
N TRP B 50 2.99 4.73 1.14
CA TRP B 50 2.23 5.60 2.02
C TRP B 50 0.73 5.44 1.76
N ILE B 51 -0.07 5.74 2.77
CA ILE B 51 -1.51 5.57 2.72
C ILE B 51 -2.18 6.80 3.33
N VAL B 52 -3.23 7.28 2.68
CA VAL B 52 -4.06 8.35 3.24
C VAL B 52 -5.02 7.73 4.24
N VAL B 53 -5.01 8.25 5.47
CA VAL B 53 -5.85 7.66 6.51
C VAL B 53 -7.32 7.90 6.24
N GLY B 54 -7.66 9.05 5.69
CA GLY B 54 -9.07 9.34 5.41
C GLY B 54 -9.59 8.54 4.23
N SER B 55 -9.04 8.75 3.04
CA SER B 55 -9.55 8.08 1.85
C SER B 55 -9.19 6.60 1.85
N GLY B 56 -7.96 6.27 2.17
CA GLY B 56 -7.48 4.90 2.07
C GLY B 56 -6.64 4.61 0.85
N ASN B 57 -6.45 5.59 -0.04
CA ASN B 57 -5.66 5.38 -1.24
C ASN B 57 -4.20 5.12 -0.88
N THR B 58 -3.56 4.21 -1.62
CA THR B 58 -2.20 3.78 -1.33
C THR B 58 -1.35 3.84 -2.57
N ASN B 59 -0.06 4.14 -2.39
CA ASN B 59 0.93 4.10 -3.46
C ASN B 59 2.16 3.36 -2.94
N TYR B 60 2.68 2.44 -3.74
CA TYR B 60 3.82 1.62 -3.37
C TYR B 60 4.99 1.88 -4.32
N ALA B 61 6.17 1.46 -3.89
CA ALA B 61 7.35 1.50 -4.73
C ALA B 61 7.25 0.42 -5.81
N GLN B 62 8.07 0.58 -6.85
CA GLN B 62 8.01 -0.35 -7.97
C GLN B 62 8.41 -1.77 -7.54
N LYS B 63 9.43 -1.89 -6.70
CA LYS B 63 9.92 -3.20 -6.30
C LYS B 63 9.11 -3.83 -5.18
N PHE B 64 8.30 -3.05 -4.46
CA PHE B 64 7.44 -3.57 -3.39
C PHE B 64 5.98 -3.59 -3.79
N GLN B 65 5.68 -3.48 -5.08
CA GLN B 65 4.29 -3.29 -5.49
C GLN B 65 3.47 -4.56 -5.28
N GLU B 66 3.87 -5.65 -5.93
CA GLU B 66 3.13 -6.92 -5.78
C GLU B 66 3.71 -7.78 -4.66
N ARG B 67 3.98 -7.15 -3.52
CA ARG B 67 4.34 -7.88 -2.33
C ARG B 67 3.79 -7.28 -1.05
N VAL B 68 3.30 -6.04 -1.06
CA VAL B 68 2.96 -5.31 0.15
C VAL B 68 1.53 -4.81 0.03
N THR B 69 0.78 -4.95 1.12
CA THR B 69 -0.54 -4.35 1.25
C THR B 69 -0.58 -3.56 2.55
N ILE B 70 -1.20 -2.38 2.50
CA ILE B 70 -1.29 -1.50 3.65
C ILE B 70 -2.77 -1.23 3.94
N THR B 71 -3.20 -1.52 5.16
CA THR B 71 -4.59 -1.39 5.58
C THR B 71 -4.76 -0.13 6.42
N ARG B 72 -6.00 0.13 6.81
CA ARG B 72 -6.39 1.41 7.40
C ARG B 72 -6.83 1.28 8.86
N ASP B 73 -7.86 0.49 9.13
CA ASP B 73 -8.40 0.30 10.48
C ASP B 73 -8.66 1.65 11.17
N MET B 74 -9.60 2.40 10.61
CA MET B 74 -9.92 3.72 11.16
C MET B 74 -10.22 3.68 12.65
N SER B 75 -11.06 2.75 13.06
CA SER B 75 -11.35 2.60 14.48
C SER B 75 -10.10 2.15 15.24
N THR B 76 -9.98 2.60 16.48
CA THR B 76 -8.85 2.36 17.38
C THR B 76 -7.57 3.03 16.90
N SER B 77 -7.57 3.67 15.73
CA SER B 77 -6.45 4.48 15.25
C SER B 77 -5.16 3.64 15.16
N THR B 78 -5.19 2.64 14.29
CA THR B 78 -4.04 1.76 14.09
C THR B 78 -3.89 1.46 12.60
N ALA B 79 -2.66 1.49 12.12
CA ALA B 79 -2.36 1.17 10.73
C ALA B 79 -1.40 -0.01 10.67
N TYR B 80 -1.57 -0.84 9.64
CA TYR B 80 -0.79 -2.07 9.51
C TYR B 80 -0.04 -2.07 8.17
N MET B 81 0.76 -3.11 7.99
CA MET B 81 1.49 -3.34 6.74
C MET B 81 1.88 -4.81 6.68
N GLU B 82 1.70 -5.43 5.53
CA GLU B 82 1.98 -6.85 5.35
C GLU B 82 3.02 -7.06 4.27
N LEU B 83 3.96 -7.96 4.54
CA LEU B 83 5.00 -8.35 3.60
C LEU B 83 4.87 -9.83 3.29
N SER B 84 4.83 -10.18 2.01
CA SER B 84 4.66 -11.56 1.58
C SER B 84 5.91 -12.04 0.86
N SER B 85 6.13 -13.36 0.92
CA SER B 85 7.28 -14.00 0.27
C SER B 85 8.60 -13.44 0.80
N LEU B 86 8.84 -13.65 2.09
CA LEU B 86 10.03 -13.14 2.73
C LEU B 86 11.28 -13.82 2.17
N ARG B 87 12.35 -13.04 2.05
CA ARG B 87 13.65 -13.52 1.63
C ARG B 87 14.69 -13.17 2.70
N SER B 88 15.90 -13.71 2.53
CA SER B 88 16.97 -13.46 3.49
C SER B 88 17.48 -12.04 3.46
N GLU B 89 17.11 -11.24 2.45
CA GLU B 89 17.55 -9.86 2.35
C GLU B 89 16.60 -8.88 3.00
N ASP B 90 15.51 -9.36 3.61
CA ASP B 90 14.52 -8.49 4.24
C ASP B 90 14.71 -8.42 5.76
N THR B 91 15.90 -8.74 6.24
CA THR B 91 16.23 -8.59 7.66
C THR B 91 16.57 -7.13 7.90
N ALA B 92 15.62 -6.37 8.44
CA ALA B 92 15.79 -4.94 8.57
C ALA B 92 14.90 -4.42 9.69
N VAL B 93 14.92 -3.09 9.87
CA VAL B 93 14.13 -2.41 10.87
C VAL B 93 13.11 -1.52 10.17
N TYR B 94 11.85 -1.62 10.56
CA TYR B 94 10.75 -0.95 9.88
C TYR B 94 10.17 0.14 10.76
N TYR B 95 10.01 1.34 10.20
CA TYR B 95 9.48 2.49 10.91
C TYR B 95 8.18 2.96 10.29
N CYS B 96 7.44 3.76 11.04
CA CYS B 96 6.23 4.42 10.58
C CYS B 96 6.25 5.87 11.01
N ALA B 97 5.87 6.77 10.11
CA ALA B 97 5.91 8.20 10.37
C ALA B 97 4.62 8.85 9.90
N ALA B 98 4.26 9.96 10.54
CA ALA B 98 3.02 10.65 10.23
C ALA B 98 3.14 12.10 10.69
N PRO B 99 2.49 13.04 10.02
CA PRO B 99 2.55 14.44 10.44
C PRO B 99 1.63 14.69 11.64
N TYR B 100 1.83 15.86 12.24
CA TYR B 100 1.01 16.29 13.37
C TYR B 100 -0.19 17.08 12.86
N CYS B 101 -1.39 16.58 13.15
CA CYS B 101 -2.62 17.20 12.70
C CYS B 101 -3.51 17.49 13.90
N SER B 102 -3.95 18.74 14.03
CA SER B 102 -4.89 19.16 15.07
C SER B 102 -6.03 19.91 14.38
N GLY B 103 -7.20 19.31 14.36
CA GLY B 103 -8.30 19.87 13.60
C GLY B 103 -8.13 19.62 12.12
N GLY B 104 -8.56 20.58 11.29
CA GLY B 104 -8.41 20.42 9.86
C GLY B 104 -6.99 20.60 9.37
N SER B 105 -6.23 21.50 9.99
CA SER B 105 -4.88 21.80 9.53
C SER B 105 -3.93 20.68 9.91
N CYS B 106 -2.86 20.54 9.12
CA CYS B 106 -1.87 19.49 9.31
C CYS B 106 -0.49 20.08 9.15
N PHE B 107 0.50 19.37 9.70
CA PHE B 107 1.88 19.82 9.56
C PHE B 107 2.37 19.57 8.14
N ASP B 108 3.48 20.23 7.80
CA ASP B 108 4.04 20.20 6.46
C ASP B 108 5.05 19.09 6.25
N GLY B 109 5.27 18.23 7.25
CA GLY B 109 6.24 17.17 7.10
C GLY B 109 5.99 16.08 8.13
N PHE B 110 6.74 14.99 7.99
CA PHE B 110 6.62 13.84 8.87
C PHE B 110 7.50 14.06 10.09
N ASP B 111 6.90 14.52 11.18
CA ASP B 111 7.64 14.80 12.41
C ASP B 111 7.48 13.73 13.48
N ILE B 112 6.34 13.06 13.55
CA ILE B 112 6.17 11.95 14.49
C ILE B 112 6.70 10.67 13.85
N TRP B 113 7.59 9.98 14.56
CA TRP B 113 8.21 8.78 14.05
C TRP B 113 7.99 7.63 15.02
N GLY B 114 8.02 6.41 14.48
CA GLY B 114 7.89 5.22 15.28
C GLY B 114 9.18 4.90 16.01
N GLN B 115 9.19 3.73 16.66
CA GLN B 115 10.33 3.30 17.45
C GLN B 115 11.10 2.14 16.85
N GLY B 116 10.59 1.53 15.79
CA GLY B 116 11.29 0.46 15.12
C GLY B 116 10.73 -0.92 15.45
N THR B 117 11.03 -1.88 14.58
CA THR B 117 10.58 -3.26 14.77
C THR B 117 11.58 -4.16 14.04
N MET B 118 12.49 -4.76 14.79
CA MET B 118 13.50 -5.62 14.19
C MET B 118 12.87 -6.92 13.71
N VAL B 119 13.13 -7.28 12.45
CA VAL B 119 12.58 -8.48 11.85
C VAL B 119 13.73 -9.31 11.30
N THR B 120 13.86 -10.55 11.77
CA THR B 120 14.90 -11.46 11.32
C THR B 120 14.24 -12.67 10.67
N VAL B 121 14.68 -13.01 9.46
CA VAL B 121 14.12 -14.12 8.70
C VAL B 121 15.27 -15.01 8.24
N SER B 122 15.26 -16.26 8.68
CA SER B 122 16.30 -17.23 8.34
C SER B 122 15.89 -18.59 8.87
N SER B 123 16.74 -19.58 8.65
CA SER B 123 16.51 -20.93 9.12
C SER B 123 16.91 -21.03 10.59
N ALA B 124 17.03 -22.27 11.09
CA ALA B 124 17.40 -22.56 12.47
C ALA B 124 16.35 -22.07 13.46
N SER B 125 16.39 -22.56 14.69
CA SER B 125 15.39 -22.20 15.69
C SER B 125 15.99 -21.41 16.86
N THR B 126 16.96 -22.00 17.57
CA THR B 126 17.52 -21.39 18.77
C THR B 126 18.71 -22.22 19.21
N LYS B 127 19.77 -21.56 19.65
CA LYS B 127 20.96 -22.27 20.12
C LYS B 127 21.75 -21.34 21.02
N GLY B 128 22.01 -21.76 22.25
CA GLY B 128 22.81 -21.00 23.17
C GLY B 128 24.25 -20.92 22.70
N PRO B 129 24.94 -19.86 23.06
CA PRO B 129 26.30 -19.64 22.53
C PRO B 129 27.33 -20.45 23.29
N SER B 130 28.54 -20.45 22.73
CA SER B 130 29.70 -21.05 23.37
C SER B 130 30.71 -19.96 23.70
N VAL B 131 31.49 -20.19 24.75
CA VAL B 131 32.43 -19.20 25.24
C VAL B 131 33.82 -19.81 25.30
N PHE B 132 34.81 -19.10 24.75
CA PHE B 132 36.20 -19.50 24.74
C PHE B 132 37.04 -18.53 25.56
N PRO B 133 38.13 -18.99 26.16
CA PRO B 133 39.05 -18.07 26.84
C PRO B 133 40.21 -17.64 25.95
N LEU B 134 40.60 -16.37 26.10
CA LEU B 134 41.75 -15.83 25.40
C LEU B 134 42.93 -15.72 26.36
N ALA B 135 44.10 -15.42 25.80
CA ALA B 135 45.32 -15.42 26.58
C ALA B 135 46.17 -14.22 26.24
N PRO B 136 47.01 -13.76 27.17
CA PRO B 136 48.01 -12.74 26.84
C PRO B 136 49.15 -13.32 26.02
N SER B 137 50.17 -12.51 25.74
CA SER B 137 51.31 -12.95 24.96
C SER B 137 52.62 -12.55 25.63
N THR B 145 49.40 -4.13 30.47
CA THR B 145 50.61 -4.68 29.90
C THR B 145 50.32 -5.21 28.49
N ALA B 146 49.06 -5.52 28.23
CA ALA B 146 48.64 -6.03 26.93
C ALA B 146 47.10 -6.07 26.90
N ALA B 147 46.56 -6.75 25.88
CA ALA B 147 45.12 -6.89 25.71
C ALA B 147 44.67 -8.33 25.96
N LEU B 148 43.39 -8.48 26.32
CA LEU B 148 42.82 -9.74 26.77
C LEU B 148 41.30 -9.67 26.93
N GLY B 149 40.58 -10.72 26.53
CA GLY B 149 39.14 -10.68 26.58
C GLY B 149 38.51 -12.06 26.53
N CYS B 150 37.24 -12.08 26.12
CA CYS B 150 36.41 -13.28 26.02
C CYS B 150 36.21 -13.65 24.55
N LEU B 151 35.29 -14.58 24.31
CA LEU B 151 34.91 -14.97 22.95
C LEU B 151 33.53 -15.60 23.01
N VAL B 152 32.75 -15.42 21.96
CA VAL B 152 31.40 -15.98 21.85
C VAL B 152 31.21 -16.55 20.46
N LYS B 153 30.56 -17.70 20.35
CA LYS B 153 30.40 -18.37 19.06
C LYS B 153 29.02 -19.02 18.96
N ASP B 154 28.39 -18.86 17.79
CA ASP B 154 27.21 -19.61 17.39
C ASP B 154 25.98 -19.45 18.27
N TYR B 155 25.35 -18.27 18.27
CA TYR B 155 24.03 -18.10 18.86
C TYR B 155 23.11 -17.49 17.82
N PHE B 156 21.90 -18.06 17.66
CA PHE B 156 21.02 -17.59 16.59
C PHE B 156 20.18 -16.37 16.94
N PRO B 157 19.49 -16.30 18.08
CA PRO B 157 18.45 -15.26 18.24
C PRO B 157 18.90 -13.84 17.97
N GLU B 158 20.13 -13.46 18.38
CA GLU B 158 20.93 -12.26 18.08
C GLU B 158 21.20 -11.39 19.31
N PRO B 159 20.21 -10.98 20.10
CA PRO B 159 20.52 -10.12 21.25
C PRO B 159 21.25 -10.89 22.34
N VAL B 160 22.40 -10.35 22.75
CA VAL B 160 23.22 -10.95 23.80
C VAL B 160 23.99 -9.83 24.48
N THR B 161 24.26 -10.02 25.77
CA THR B 161 24.95 -9.01 26.57
C THR B 161 26.18 -9.64 27.20
N VAL B 162 27.28 -8.88 27.20
CA VAL B 162 28.53 -9.30 27.85
C VAL B 162 28.88 -8.28 28.91
N SER B 163 29.14 -8.75 30.12
CA SER B 163 29.60 -7.93 31.23
C SER B 163 31.01 -8.35 31.58
N TRP B 164 31.55 -7.77 32.65
CA TRP B 164 32.86 -8.16 33.11
C TRP B 164 32.89 -8.15 34.63
N ASN B 165 33.49 -9.19 35.21
CA ASN B 165 33.46 -9.42 36.64
C ASN B 165 32.01 -9.36 37.10
N SER B 166 31.60 -8.24 37.71
CA SER B 166 30.17 -7.99 37.91
C SER B 166 29.71 -6.73 37.19
N GLY B 167 30.27 -5.57 37.50
CA GLY B 167 30.10 -4.38 36.69
C GLY B 167 31.29 -3.44 36.76
N ALA B 168 32.36 -3.89 37.41
CA ALA B 168 33.38 -2.99 37.91
C ALA B 168 34.33 -2.57 36.79
N LEU B 169 35.14 -1.56 37.13
CA LEU B 169 36.39 -1.13 36.50
C LEU B 169 36.22 -0.47 35.14
N THR B 170 35.05 -0.63 34.51
CA THR B 170 34.57 0.16 33.38
C THR B 170 35.72 0.60 32.48
N SER B 171 36.63 -0.31 32.17
CA SER B 171 37.86 0.05 31.49
C SER B 171 37.61 0.13 29.99
N GLY B 172 38.68 0.05 29.20
CA GLY B 172 38.53 0.10 27.76
C GLY B 172 37.84 -1.13 27.22
N VAL B 173 36.61 -1.38 27.67
CA VAL B 173 35.82 -2.46 27.09
C VAL B 173 35.51 -2.13 25.63
N HIS B 174 35.47 -3.18 24.80
CA HIS B 174 35.16 -3.03 23.39
C HIS B 174 34.37 -4.26 22.97
N THR B 175 33.05 -4.12 22.91
CA THR B 175 32.17 -5.23 22.50
C THR B 175 31.80 -5.02 21.04
N PHE B 176 32.43 -5.80 20.16
CA PHE B 176 32.18 -5.66 18.73
C PHE B 176 30.79 -6.18 18.38
N PRO B 177 30.18 -5.65 17.32
CA PRO B 177 28.86 -6.13 16.92
C PRO B 177 28.92 -7.55 16.39
N ALA B 178 27.76 -8.20 16.40
CA ALA B 178 27.65 -9.57 15.92
C ALA B 178 27.66 -9.60 14.39
N VAL B 179 28.14 -10.70 13.84
CA VAL B 179 28.23 -10.89 12.40
C VAL B 179 27.46 -12.15 12.03
N LEU B 180 26.64 -12.06 11.00
CA LEU B 180 25.88 -13.21 10.51
C LEU B 180 26.83 -14.19 9.85
N GLN B 181 27.11 -15.30 10.52
CA GLN B 181 28.07 -16.26 10.01
C GLN B 181 27.52 -16.95 8.76
N SER B 182 28.34 -17.81 8.16
CA SER B 182 27.96 -18.47 6.92
C SER B 182 26.73 -19.37 7.12
N SER B 183 26.75 -20.19 8.17
CA SER B 183 25.64 -21.11 8.39
C SER B 183 24.35 -20.36 8.70
N GLY B 184 24.43 -19.31 9.50
CA GLY B 184 23.25 -18.55 9.87
C GLY B 184 23.29 -18.10 11.32
N LEU B 185 24.23 -18.65 12.08
CA LEU B 185 24.40 -18.29 13.49
C LEU B 185 25.16 -16.97 13.56
N TYR B 186 25.42 -16.49 14.78
CA TYR B 186 26.10 -15.21 14.98
C TYR B 186 27.36 -15.42 15.81
N SER B 187 28.09 -14.34 16.04
CA SER B 187 29.30 -14.36 16.85
C SER B 187 29.72 -12.93 17.15
N LEU B 188 30.22 -12.69 18.35
CA LEU B 188 30.81 -11.41 18.71
C LEU B 188 31.99 -11.68 19.63
N SER B 189 32.70 -10.61 19.99
CA SER B 189 33.83 -10.72 20.88
C SER B 189 33.86 -9.53 21.82
N SER B 190 34.46 -9.73 22.99
CA SER B 190 34.61 -8.67 23.98
C SER B 190 36.04 -8.72 24.50
N VAL B 191 36.63 -7.55 24.69
CA VAL B 191 38.05 -7.47 25.06
C VAL B 191 38.28 -6.18 25.83
N VAL B 192 39.24 -6.22 26.76
CA VAL B 192 39.73 -5.06 27.49
C VAL B 192 41.25 -5.10 27.48
N THR B 193 41.86 -4.20 28.23
CA THR B 193 43.30 -4.15 28.40
C THR B 193 43.66 -4.53 29.82
N VAL B 194 44.96 -4.51 30.11
CA VAL B 194 45.46 -4.64 31.48
C VAL B 194 46.45 -3.52 31.77
N PRO B 195 45.97 -2.29 31.98
CA PRO B 195 46.89 -1.16 32.16
C PRO B 195 47.68 -1.21 33.45
N SER B 196 47.32 -2.11 34.36
CA SER B 196 47.88 -2.11 35.72
C SER B 196 49.39 -2.31 35.75
N SER B 197 50.05 -2.42 34.59
CA SER B 197 51.49 -2.64 34.50
C SER B 197 51.93 -3.89 35.26
N SER B 198 51.08 -4.91 35.27
CA SER B 198 51.41 -6.21 35.82
C SER B 198 50.42 -7.25 35.32
N LEU B 199 50.79 -8.52 35.44
CA LEU B 199 49.91 -9.61 35.05
C LEU B 199 49.21 -10.24 36.24
N GLY B 200 49.83 -10.21 37.42
CA GLY B 200 49.22 -10.74 38.63
C GLY B 200 48.58 -9.65 39.46
N THR B 201 47.26 -9.52 39.34
CA THR B 201 46.54 -8.32 39.74
C THR B 201 45.08 -8.64 40.08
N GLN B 202 44.23 -7.63 40.02
CA GLN B 202 42.79 -7.78 40.23
C GLN B 202 42.24 -9.06 39.61
N THR B 203 41.37 -9.75 40.36
CA THR B 203 40.80 -11.03 39.94
C THR B 203 39.51 -10.78 39.14
N TYR B 204 39.71 -10.44 37.86
CA TYR B 204 38.63 -10.09 36.95
C TYR B 204 38.21 -11.28 36.08
N ILE B 205 36.90 -11.41 35.85
CA ILE B 205 36.29 -12.58 35.21
C ILE B 205 35.32 -12.07 34.15
N CYS B 206 34.89 -12.96 33.26
CA CYS B 206 34.00 -12.64 32.16
C CYS B 206 32.55 -12.87 32.59
N ASN B 207 31.61 -12.67 31.67
CA ASN B 207 30.20 -12.88 31.96
C ASN B 207 29.40 -12.81 30.66
N VAL B 208 28.49 -13.75 30.47
CA VAL B 208 27.65 -13.82 29.28
C VAL B 208 26.21 -14.11 29.72
N ASN B 209 25.25 -13.65 28.92
CA ASN B 209 23.83 -13.89 29.23
C ASN B 209 23.01 -13.77 27.96
N HIS B 210 22.25 -14.82 27.64
CA HIS B 210 21.39 -14.86 26.46
C HIS B 210 19.93 -14.88 26.90
N LYS B 211 19.11 -14.02 26.28
CA LYS B 211 17.75 -13.83 26.77
C LYS B 211 16.80 -14.96 26.36
N PRO B 212 16.59 -15.24 25.05
CA PRO B 212 15.55 -16.23 24.70
C PRO B 212 16.03 -17.67 24.88
N SER B 213 16.69 -17.92 26.02
CA SER B 213 17.13 -19.25 26.41
C SER B 213 17.69 -19.17 27.83
N ASN B 214 17.38 -20.14 28.67
CA ASN B 214 17.88 -20.11 30.04
C ASN B 214 19.35 -20.51 30.07
N THR B 215 20.22 -19.67 29.53
CA THR B 215 21.65 -19.96 29.42
C THR B 215 22.43 -18.81 30.01
N LYS B 216 23.36 -19.12 30.91
CA LYS B 216 24.23 -18.14 31.54
C LYS B 216 25.59 -18.77 31.79
N VAL B 217 26.65 -18.01 31.51
CA VAL B 217 28.02 -18.49 31.62
C VAL B 217 28.83 -17.50 32.44
N ASP B 218 29.84 -18.00 33.15
CA ASP B 218 30.78 -17.17 33.89
C ASP B 218 32.20 -17.67 33.66
N LYS B 219 32.56 -17.86 32.39
CA LYS B 219 33.89 -18.34 32.05
C LYS B 219 34.98 -17.42 32.59
N LYS B 220 36.01 -18.00 33.18
CA LYS B 220 37.13 -17.22 33.69
C LYS B 220 38.26 -17.20 32.67
N VAL B 221 39.07 -16.15 32.74
CA VAL B 221 40.21 -15.95 31.86
C VAL B 221 41.43 -15.91 32.77
N GLU B 222 42.62 -15.58 32.23
CA GLU B 222 43.93 -15.33 32.85
C GLU B 222 44.89 -16.46 32.47
N PRO B 223 46.20 -16.34 32.79
CA PRO B 223 47.06 -17.48 32.53
C PRO B 223 47.36 -18.28 33.79
N GLU C 1 11.94 13.90 -9.30
CA GLU C 1 13.15 13.25 -8.80
C GLU C 1 12.98 11.74 -8.72
N ILE C 2 14.01 11.02 -9.16
CA ILE C 2 14.06 9.58 -8.93
C ILE C 2 15.34 9.14 -8.23
N VAL C 3 16.45 9.88 -8.33
CA VAL C 3 17.65 9.59 -7.57
C VAL C 3 18.20 10.90 -7.02
N LEU C 4 18.64 10.87 -5.76
CA LEU C 4 19.26 12.01 -5.11
C LEU C 4 20.71 11.69 -4.80
N THR C 5 21.56 12.71 -4.86
CA THR C 5 22.99 12.56 -4.60
C THR C 5 23.39 13.48 -3.47
N GLN C 6 24.10 12.93 -2.49
CA GLN C 6 24.62 13.70 -1.35
C GLN C 6 26.13 13.73 -1.42
N SER C 7 26.69 14.93 -1.38
CA SER C 7 28.13 15.13 -1.39
C SER C 7 28.49 16.22 -0.41
N PRO C 8 29.65 16.10 0.28
CA PRO C 8 30.63 15.03 0.21
C PRO C 8 30.24 13.82 1.04
N GLY C 9 30.93 12.70 0.84
CA GLY C 9 30.54 11.46 1.52
C GLY C 9 30.69 11.55 3.03
N THR C 10 31.82 12.06 3.50
CA THR C 10 32.07 12.22 4.93
C THR C 10 32.84 13.50 5.18
N LEU C 11 32.65 14.06 6.37
CA LEU C 11 33.36 15.24 6.82
C LEU C 11 33.97 14.95 8.19
N SER C 12 35.04 15.66 8.52
CA SER C 12 35.71 15.45 9.80
C SER C 12 36.54 16.68 10.14
N LEU C 13 36.25 17.31 11.27
CA LEU C 13 37.09 18.38 11.80
C LEU C 13 36.68 18.66 13.24
N SER C 14 37.55 19.38 13.94
CA SER C 14 37.36 19.66 15.35
C SER C 14 36.17 20.60 15.55
N PRO C 15 35.60 20.65 16.77
CA PRO C 15 34.41 21.46 16.99
C PRO C 15 34.63 22.93 16.63
N GLY C 16 33.62 23.51 15.99
CA GLY C 16 33.67 24.91 15.60
C GLY C 16 34.14 25.12 14.18
N GLU C 17 33.52 24.44 13.22
CA GLU C 17 33.85 24.64 11.81
C GLU C 17 32.59 24.51 10.97
N ARG C 18 32.28 25.55 10.20
CA ARG C 18 31.06 25.55 9.41
C ARG C 18 31.08 24.45 8.37
N ALA C 19 29.96 23.73 8.26
CA ALA C 19 29.86 22.59 7.35
C ALA C 19 28.68 22.77 6.42
N THR C 20 28.89 22.47 5.15
CA THR C 20 27.88 22.66 4.11
C THR C 20 27.60 21.34 3.42
N LEU C 21 26.63 20.60 3.92
CA LEU C 21 26.10 19.46 3.18
C LEU C 21 25.44 19.95 1.91
N SER C 22 25.53 19.15 0.85
CA SER C 22 24.88 19.47 -0.41
C SER C 22 24.12 18.24 -0.88
N CYS C 23 22.98 18.46 -1.52
CA CYS C 23 22.07 17.37 -1.87
C CYS C 23 21.60 17.53 -3.32
N ARG C 24 22.57 17.75 -4.22
CA ARG C 24 22.24 17.95 -5.63
C ARG C 24 21.50 16.75 -6.19
N ALA C 25 20.51 17.01 -7.05
CA ALA C 25 19.51 16.02 -7.38
C ALA C 25 19.32 15.97 -8.89
N SER C 26 18.31 15.20 -9.31
CA SER C 26 17.98 14.94 -10.71
C SER C 26 17.14 16.09 -11.27
N GLN C 27 16.44 15.84 -12.37
CA GLN C 27 15.87 16.86 -13.25
C GLN C 27 15.34 18.09 -12.50
N SER C 28 14.37 17.91 -11.62
CA SER C 28 13.82 19.03 -10.87
C SER C 28 12.89 18.51 -9.78
N VAL C 29 12.64 19.37 -8.80
CA VAL C 29 11.69 19.08 -7.74
C VAL C 29 11.24 20.39 -7.14
N SER C 30 9.98 20.44 -6.72
CA SER C 30 9.42 21.64 -6.12
C SER C 30 10.01 21.86 -4.73
N SER C 31 10.16 23.14 -4.37
CA SER C 31 10.50 23.47 -3.01
C SER C 31 9.30 23.19 -2.10
N SER C 32 9.54 23.28 -0.80
CA SER C 32 8.55 22.97 0.23
C SER C 32 8.05 21.53 0.15
N TYR C 33 8.72 20.69 -0.64
CA TYR C 33 8.50 19.26 -0.62
C TYR C 33 9.83 18.52 -0.45
N LEU C 34 10.75 19.12 0.29
CA LEU C 34 12.04 18.53 0.60
C LEU C 34 12.33 18.78 2.08
N ALA C 35 12.96 17.80 2.73
CA ALA C 35 13.22 17.88 4.16
C ALA C 35 14.52 17.16 4.48
N TRP C 36 15.05 17.44 5.66
CA TRP C 36 16.27 16.82 6.16
C TRP C 36 15.96 16.10 7.46
N TYR C 37 16.81 15.13 7.79
CA TYR C 37 16.65 14.34 9.01
C TYR C 37 18.00 14.17 9.68
N GLN C 38 17.99 13.63 10.89
CA GLN C 38 19.19 13.31 11.63
C GLN C 38 18.95 12.03 12.41
N GLN C 39 19.91 11.10 12.36
CA GLN C 39 19.80 9.83 13.07
C GLN C 39 21.10 9.54 13.80
N LYS C 40 21.05 9.56 15.13
CA LYS C 40 22.16 9.07 15.93
C LYS C 40 22.07 7.55 16.04
N PRO C 41 23.19 6.87 16.31
CA PRO C 41 23.16 5.40 16.30
C PRO C 41 22.16 4.84 17.31
N GLY C 42 21.47 3.79 16.89
CA GLY C 42 20.49 3.14 17.75
C GLY C 42 19.32 4.04 18.12
N GLN C 43 18.82 4.82 17.19
CA GLN C 43 17.72 5.73 17.43
C GLN C 43 16.86 5.83 16.17
N ALA C 44 15.77 6.55 16.27
CA ALA C 44 14.91 6.81 15.13
C ALA C 44 15.17 8.22 14.59
N PRO C 45 15.04 8.42 13.28
CA PRO C 45 15.35 9.74 12.72
C PRO C 45 14.43 10.82 13.27
N ARG C 46 14.99 12.00 13.47
CA ARG C 46 14.23 13.18 13.84
C ARG C 46 14.08 14.07 12.62
N LEU C 47 13.18 15.05 12.71
CA LEU C 47 12.91 15.95 11.61
C LEU C 47 13.70 17.24 11.79
N LEU C 48 14.64 17.48 10.89
CA LEU C 48 15.31 18.77 10.74
C LEU C 48 14.44 19.65 9.84
N ILE C 49 15.01 20.71 9.26
CA ILE C 49 14.29 21.66 8.42
C ILE C 49 13.35 20.93 7.46
N TYR C 50 12.12 21.44 7.33
CA TYR C 50 11.05 20.71 6.64
C TYR C 50 10.47 21.48 5.46
N GLY C 51 11.14 22.52 5.00
CA GLY C 51 10.69 23.22 3.81
C GLY C 51 11.86 23.71 2.98
N ALA C 52 13.03 23.14 3.25
CA ALA C 52 14.32 23.54 2.70
C ALA C 52 14.79 24.85 3.33
N SER C 53 13.91 25.52 4.07
CA SER C 53 14.32 26.64 4.90
C SER C 53 13.66 26.68 6.27
N SER C 54 12.53 26.04 6.48
CA SER C 54 11.77 26.17 7.72
C SER C 54 12.29 25.16 8.73
N ARG C 55 12.78 25.67 9.87
CA ARG C 55 13.42 24.82 10.87
C ARG C 55 12.39 24.23 11.82
N ALA C 56 12.68 23.02 12.30
CA ALA C 56 11.79 22.33 13.22
C ALA C 56 11.91 22.91 14.62
N THR C 57 10.98 22.50 15.49
CA THR C 57 10.86 23.12 16.81
C THR C 57 11.98 22.67 17.75
N GLY C 58 12.29 21.37 17.76
CA GLY C 58 13.18 20.85 18.78
C GLY C 58 14.60 21.36 18.67
N PHE C 59 15.12 21.45 17.45
CA PHE C 59 16.53 21.75 17.27
C PHE C 59 16.82 23.23 17.53
N PRO C 60 18.00 23.52 18.05
CA PRO C 60 18.32 24.91 18.40
C PRO C 60 18.77 25.73 17.22
N ASP C 61 19.25 26.94 17.51
CA ASP C 61 19.82 27.82 16.50
C ASP C 61 21.07 27.18 15.90
N ARG C 62 21.65 27.83 14.89
CA ARG C 62 22.82 27.47 14.06
C ARG C 62 22.48 26.55 12.89
N PHE C 63 21.22 26.13 12.73
CA PHE C 63 20.84 25.23 11.65
C PHE C 63 20.11 26.04 10.57
N SER C 64 20.81 26.31 9.46
CA SER C 64 20.26 27.09 8.35
C SER C 64 19.69 26.16 7.28
N GLY C 65 19.41 26.72 6.10
CA GLY C 65 18.95 25.91 4.99
C GLY C 65 18.65 26.70 3.72
N SER C 66 19.10 26.20 2.57
CA SER C 66 18.86 26.83 1.28
C SER C 66 18.22 25.83 0.34
N GLY C 67 17.91 26.31 -0.86
CA GLY C 67 17.22 25.48 -1.84
C GLY C 67 17.10 26.19 -3.17
N SER C 68 16.93 25.39 -4.21
CA SER C 68 16.87 25.87 -5.59
C SER C 68 16.31 24.73 -6.43
N GLY C 69 16.42 24.86 -7.75
CA GLY C 69 15.89 23.83 -8.63
C GLY C 69 16.58 22.49 -8.45
N THR C 70 17.92 22.50 -8.42
CA THR C 70 18.67 21.26 -8.32
C THR C 70 19.89 21.36 -7.40
N ASP C 71 19.92 22.33 -6.49
CA ASP C 71 21.05 22.48 -5.55
C ASP C 71 20.50 22.83 -4.17
N PHE C 72 20.20 21.81 -3.38
CA PHE C 72 19.77 21.98 -2.01
C PHE C 72 20.94 21.76 -1.07
N THR C 73 20.95 22.47 0.05
CA THR C 73 22.09 22.43 0.96
C THR C 73 21.64 22.74 2.39
N LEU C 74 22.52 22.41 3.34
CA LEU C 74 22.25 22.56 4.77
C LEU C 74 23.53 22.99 5.46
N THR C 75 23.53 24.20 6.02
CA THR C 75 24.72 24.76 6.65
C THR C 75 24.53 24.81 8.15
N ILE C 76 25.48 24.22 8.88
CA ILE C 76 25.52 24.28 10.33
C ILE C 76 26.65 25.23 10.71
N SER C 77 26.31 26.34 11.38
CA SER C 77 27.25 27.43 11.59
C SER C 77 28.37 27.08 12.57
N ARG C 78 28.27 25.96 13.28
CA ARG C 78 29.32 25.59 14.21
C ARG C 78 29.14 24.11 14.57
N LEU C 79 30.26 23.41 14.68
CA LEU C 79 30.22 21.97 14.93
C LEU C 79 30.33 21.67 16.42
N GLU C 80 29.39 22.17 17.20
CA GLU C 80 29.46 21.94 18.64
C GLU C 80 29.05 20.50 18.95
N PRO C 81 29.46 19.95 20.09
CA PRO C 81 29.24 18.52 20.34
C PRO C 81 27.76 18.15 20.36
N GLU C 82 27.51 16.84 20.30
CA GLU C 82 26.16 16.29 20.20
C GLU C 82 25.51 16.68 18.88
N ASP C 83 26.33 16.98 17.87
CA ASP C 83 25.85 17.32 16.53
C ASP C 83 26.56 16.50 15.46
N PHE C 84 27.25 15.43 15.84
CA PHE C 84 27.99 14.58 14.90
C PHE C 84 27.13 13.33 14.65
N ALA C 85 26.43 13.31 13.51
CA ALA C 85 25.52 12.22 13.21
C ALA C 85 25.43 12.08 11.69
N VAL C 86 24.40 11.37 11.23
CA VAL C 86 24.17 11.12 9.81
C VAL C 86 22.91 11.85 9.39
N TYR C 87 22.98 12.59 8.28
CA TYR C 87 21.87 13.41 7.81
C TYR C 87 21.42 12.95 6.43
N TYR C 88 20.11 12.83 6.24
CA TYR C 88 19.52 12.34 5.00
C TYR C 88 18.65 13.41 4.37
N CYS C 89 18.47 13.30 3.06
CA CYS C 89 17.50 14.10 2.33
C CYS C 89 16.21 13.30 2.15
N GLN C 90 15.21 13.95 1.55
CA GLN C 90 14.02 13.29 1.03
C GLN C 90 13.23 14.30 0.22
N GLN C 91 12.66 13.83 -0.88
CA GLN C 91 11.68 14.59 -1.64
C GLN C 91 10.37 13.81 -1.65
N TYR C 92 9.28 14.47 -1.28
CA TYR C 92 7.98 13.82 -1.24
C TYR C 92 6.96 14.62 -2.03
N GLY C 93 7.35 15.10 -3.20
CA GLY C 93 6.44 15.82 -4.06
C GLY C 93 6.35 15.21 -5.44
N ASN C 94 6.94 14.03 -5.61
CA ASN C 94 6.96 13.36 -6.90
C ASN C 94 7.14 11.88 -6.66
N SER C 95 6.08 11.10 -6.85
CA SER C 95 6.16 9.66 -6.58
C SER C 95 6.98 8.96 -7.66
N PRO C 96 7.77 7.94 -7.29
CA PRO C 96 8.02 7.47 -5.93
C PRO C 96 8.99 8.36 -5.17
N TRP C 97 8.77 8.51 -3.87
CA TRP C 97 9.64 9.34 -3.05
C TRP C 97 10.95 8.60 -2.76
N THR C 98 12.01 9.35 -2.52
CA THR C 98 13.33 8.75 -2.43
C THR C 98 14.18 9.48 -1.37
N PHE C 99 15.21 8.78 -0.92
CA PHE C 99 16.14 9.27 0.09
C PHE C 99 17.54 9.44 -0.51
N GLY C 100 18.32 10.31 0.12
CA GLY C 100 19.73 10.39 -0.20
C GLY C 100 20.53 9.31 0.49
N GLN C 101 21.82 9.25 0.16
CA GLN C 101 22.67 8.21 0.73
C GLN C 101 23.05 8.50 2.18
N GLY C 102 23.11 9.77 2.57
CA GLY C 102 23.47 10.12 3.93
C GLY C 102 24.96 10.31 4.13
N THR C 103 25.34 11.30 4.93
CA THR C 103 26.74 11.63 5.14
C THR C 103 27.04 11.65 6.63
N LYS C 104 28.08 10.92 7.04
CA LYS C 104 28.43 10.78 8.45
C LYS C 104 29.54 11.76 8.78
N VAL C 105 29.30 12.62 9.75
CA VAL C 105 30.29 13.57 10.23
C VAL C 105 31.15 12.87 11.27
N GLU C 106 32.44 13.15 11.26
CA GLU C 106 33.39 12.52 12.17
C GLU C 106 34.07 13.57 13.04
N ILE C 107 35.04 13.11 13.83
CA ILE C 107 35.85 13.98 14.68
C ILE C 107 37.32 13.69 14.39
N ARG C 108 38.11 14.75 14.23
CA ARG C 108 39.54 14.57 13.99
C ARG C 108 40.27 14.38 15.30
N ARG C 109 41.10 13.34 15.35
CA ARG C 109 41.88 12.98 16.54
C ARG C 109 43.22 12.40 16.08
N THR C 110 43.88 11.68 16.98
CA THR C 110 45.22 11.15 16.76
C THR C 110 45.19 9.63 16.64
N VAL C 111 46.06 9.11 15.78
CA VAL C 111 46.17 7.68 15.56
C VAL C 111 47.11 7.08 16.59
N ALA C 112 46.74 5.93 17.13
CA ALA C 112 47.56 5.22 18.11
C ALA C 112 47.51 3.71 17.89
N ALA C 113 47.62 3.27 16.64
CA ALA C 113 47.54 1.85 16.32
C ALA C 113 48.75 1.11 16.88
N PRO C 114 48.61 0.33 17.98
CA PRO C 114 49.80 -0.25 18.61
C PRO C 114 50.35 -1.47 17.87
N SER C 115 49.47 -2.41 17.52
CA SER C 115 49.84 -3.68 16.92
C SER C 115 48.59 -4.51 16.64
N VAL C 116 48.75 -5.65 15.99
CA VAL C 116 47.67 -6.60 15.78
C VAL C 116 47.99 -7.83 16.64
N PHE C 117 47.10 -8.13 17.59
CA PHE C 117 47.34 -9.19 18.56
C PHE C 117 46.87 -10.53 18.01
N ILE C 118 47.73 -11.54 18.11
CA ILE C 118 47.36 -12.89 17.71
C ILE C 118 47.70 -13.87 18.83
N PHE C 119 46.80 -14.82 19.04
CA PHE C 119 46.75 -15.80 20.12
C PHE C 119 45.81 -16.93 19.68
N PRO C 120 46.10 -17.59 18.56
CA PRO C 120 45.05 -18.28 17.79
C PRO C 120 44.30 -19.32 18.59
N PRO C 121 44.95 -20.36 19.12
CA PRO C 121 44.18 -21.50 19.62
C PRO C 121 43.88 -21.46 21.11
N SER C 122 42.78 -22.11 21.46
CA SER C 122 42.52 -22.54 22.81
C SER C 122 43.10 -23.93 22.99
N ASP C 123 42.64 -24.64 24.02
CA ASP C 123 42.97 -26.06 24.11
C ASP C 123 42.17 -26.87 23.10
N GLU C 124 40.95 -26.43 22.81
CA GLU C 124 39.96 -27.29 22.16
C GLU C 124 39.50 -26.71 20.83
N GLN C 125 40.23 -27.06 19.78
CA GLN C 125 39.71 -26.99 18.42
C GLN C 125 40.03 -28.23 17.60
N LEU C 126 40.63 -29.24 18.20
CA LEU C 126 40.46 -30.61 17.77
C LEU C 126 39.47 -31.37 18.65
N LYS C 127 39.26 -30.91 19.88
CA LYS C 127 38.11 -31.35 20.67
C LYS C 127 36.93 -30.41 20.46
N SER C 128 36.66 -30.13 19.20
CA SER C 128 35.56 -29.28 18.76
C SER C 128 35.58 -29.30 17.23
N GLY C 129 34.77 -28.45 16.62
CA GLY C 129 34.66 -28.41 15.17
C GLY C 129 35.57 -27.42 14.48
N THR C 130 34.99 -26.35 13.95
CA THR C 130 35.73 -25.38 13.17
C THR C 130 36.86 -24.77 13.99
N ALA C 131 38.07 -24.75 13.41
CA ALA C 131 39.26 -24.25 14.09
C ALA C 131 39.32 -22.73 13.92
N SER C 132 39.09 -21.99 15.01
CA SER C 132 38.94 -20.56 14.95
C SER C 132 40.23 -19.82 15.31
N VAL C 133 40.48 -18.71 14.63
CA VAL C 133 41.65 -17.86 14.86
C VAL C 133 41.21 -16.41 14.71
N VAL C 134 41.73 -15.53 15.57
CA VAL C 134 41.34 -14.11 15.61
C VAL C 134 42.58 -13.24 15.78
N CYS C 135 42.56 -12.06 15.15
CA CYS C 135 43.55 -11.02 15.38
C CYS C 135 42.84 -9.68 15.53
N LEU C 136 43.42 -8.80 16.35
CA LEU C 136 42.74 -7.59 16.83
C LEU C 136 43.58 -6.34 16.65
N LEU C 137 42.94 -5.27 16.16
CA LEU C 137 43.54 -3.95 16.02
C LEU C 137 42.82 -2.95 16.92
N ASN C 138 43.50 -1.86 17.26
CA ASN C 138 42.95 -0.95 18.25
C ASN C 138 43.45 0.47 18.02
N ASN C 139 42.62 1.44 18.42
CA ASN C 139 42.97 2.86 18.54
C ASN C 139 43.38 3.51 17.22
N PHE C 140 42.47 3.65 16.27
CA PHE C 140 42.73 4.34 15.01
C PHE C 140 41.44 4.96 14.49
N TYR C 141 41.43 6.27 14.31
CA TYR C 141 40.22 6.93 13.83
C TYR C 141 40.03 6.83 12.31
N PRO C 142 41.08 6.87 11.47
CA PRO C 142 40.84 6.68 10.04
C PRO C 142 40.35 5.27 9.75
N ARG C 143 39.64 5.12 8.63
CA ARG C 143 38.97 3.86 8.30
C ARG C 143 39.74 3.02 7.29
N GLU C 144 41.07 3.05 7.35
CA GLU C 144 41.92 2.29 6.43
C GLU C 144 42.38 1.02 7.10
N ALA C 145 42.18 -0.12 6.42
CA ALA C 145 42.58 -1.42 6.94
C ALA C 145 43.06 -2.30 5.79
N LYS C 146 43.84 -3.33 6.13
CA LYS C 146 44.33 -4.24 5.11
C LYS C 146 44.73 -5.57 5.76
N VAL C 147 44.40 -6.67 5.09
CA VAL C 147 44.97 -7.99 5.36
C VAL C 147 45.30 -8.62 4.01
N GLN C 148 46.48 -9.26 3.91
CA GLN C 148 46.92 -9.74 2.62
C GLN C 148 46.43 -11.16 2.37
N TRP C 149 46.57 -11.60 1.11
CA TRP C 149 45.80 -12.75 0.63
C TRP C 149 46.34 -14.07 1.15
N LYS C 150 47.67 -14.23 1.18
CA LYS C 150 48.22 -15.54 1.57
C LYS C 150 48.06 -15.77 3.07
N VAL C 151 48.34 -14.76 3.89
CA VAL C 151 48.36 -14.87 5.35
C VAL C 151 49.40 -15.92 5.75
N ASP C 152 48.96 -17.13 6.08
CA ASP C 152 49.84 -18.27 6.31
C ASP C 152 49.76 -19.25 5.14
N ASN C 153 50.32 -20.46 5.32
CA ASN C 153 50.45 -21.41 4.22
C ASN C 153 49.14 -21.65 3.50
N ALA C 154 48.03 -21.74 4.22
CA ALA C 154 46.72 -21.78 3.61
C ALA C 154 46.31 -20.35 3.26
N LEU C 155 46.23 -20.06 1.97
CA LEU C 155 45.86 -18.71 1.55
C LEU C 155 44.49 -18.33 2.10
N GLN C 156 43.45 -18.99 1.60
CA GLN C 156 42.09 -18.88 2.15
C GLN C 156 41.72 -17.43 2.43
N SER C 157 41.94 -16.56 1.45
CA SER C 157 41.59 -15.16 1.62
C SER C 157 40.12 -14.94 1.34
N GLY C 158 39.26 -15.77 1.93
CA GLY C 158 37.83 -15.61 1.84
C GLY C 158 37.14 -15.82 3.18
N ASN C 159 37.87 -16.35 4.15
CA ASN C 159 37.35 -16.59 5.48
C ASN C 159 37.50 -15.40 6.41
N SER C 160 38.23 -14.36 5.98
CA SER C 160 38.48 -13.21 6.84
C SER C 160 37.21 -12.39 7.02
N GLN C 161 36.77 -12.24 8.26
CA GLN C 161 35.59 -11.46 8.60
C GLN C 161 35.97 -10.42 9.63
N GLU C 162 35.55 -9.18 9.41
CA GLU C 162 35.93 -8.07 10.29
C GLU C 162 34.71 -7.24 10.67
N SER C 163 34.70 -6.80 11.93
CA SER C 163 33.66 -5.93 12.44
C SER C 163 34.31 -4.82 13.25
N VAL C 164 33.71 -3.63 13.19
CA VAL C 164 34.32 -2.43 13.75
C VAL C 164 33.30 -1.75 14.66
N THR C 165 33.78 -1.24 15.78
CA THR C 165 32.94 -0.51 16.72
C THR C 165 32.78 0.94 16.26
N GLU C 166 31.99 1.71 17.00
CA GLU C 166 31.82 3.12 16.72
C GLU C 166 32.81 3.95 17.54
N GLN C 167 32.79 5.25 17.33
CA GLN C 167 33.74 6.13 18.00
C GLN C 167 33.42 6.22 19.49
N ASP C 168 34.47 6.47 20.28
CA ASP C 168 34.29 6.71 21.70
C ASP C 168 33.76 8.12 21.93
N SER C 169 32.93 8.26 22.97
CA SER C 169 32.27 9.53 23.21
C SER C 169 33.24 10.62 23.65
N LYS C 170 34.44 10.26 24.09
CA LYS C 170 35.42 11.23 24.58
C LYS C 170 36.81 11.07 24.00
N ASP C 171 37.18 9.89 23.52
CA ASP C 171 38.54 9.57 23.07
C ASP C 171 38.50 9.04 21.64
N SER C 172 37.79 9.75 20.77
CA SER C 172 37.25 9.20 19.52
C SER C 172 38.26 8.37 18.74
N THR C 173 37.98 7.07 18.63
CA THR C 173 38.82 6.11 17.93
C THR C 173 37.92 4.98 17.45
N TYR C 174 38.55 3.90 16.96
CA TYR C 174 37.83 2.71 16.53
C TYR C 174 38.61 1.49 16.99
N SER C 175 38.03 0.32 16.75
CA SER C 175 38.70 -0.94 17.01
C SER C 175 38.19 -1.97 16.01
N LEU C 176 39.04 -2.95 15.70
CA LEU C 176 38.75 -3.86 14.61
C LEU C 176 39.34 -5.23 14.92
N SER C 177 38.58 -6.27 14.61
CA SER C 177 39.01 -7.65 14.84
C SER C 177 38.77 -8.46 13.57
N SER C 178 39.70 -9.37 13.28
CA SER C 178 39.64 -10.17 12.06
C SER C 178 39.71 -11.64 12.43
N THR C 179 38.80 -12.44 11.86
CA THR C 179 38.75 -13.87 12.11
C THR C 179 38.80 -14.61 10.78
N LEU C 180 39.63 -15.66 10.73
CA LEU C 180 39.77 -16.49 9.54
C LEU C 180 40.03 -17.91 10.01
N THR C 181 39.04 -18.79 9.86
CA THR C 181 39.00 -20.07 10.54
C THR C 181 39.20 -21.26 9.61
N LEU C 182 38.43 -21.34 8.52
CA LEU C 182 38.48 -22.41 7.53
C LEU C 182 37.93 -23.73 8.07
N SER C 183 38.79 -24.74 8.18
CA SER C 183 38.37 -26.12 8.36
C SER C 183 37.99 -26.42 9.79
N LYS C 184 37.93 -27.70 10.10
CA LYS C 184 37.56 -28.23 11.40
C LYS C 184 38.77 -28.94 12.01
N ALA C 185 38.51 -29.72 13.06
CA ALA C 185 39.54 -30.48 13.74
C ALA C 185 40.40 -31.31 12.79
N ASP C 186 39.95 -31.47 11.55
CA ASP C 186 40.64 -32.27 10.54
C ASP C 186 41.75 -31.51 9.82
N TYR C 187 42.32 -30.48 10.45
CA TYR C 187 43.50 -29.83 9.90
C TYR C 187 44.63 -30.84 9.71
N GLU C 188 45.37 -30.69 8.63
CA GLU C 188 46.60 -31.47 8.46
C GLU C 188 47.80 -30.69 7.93
N LYS C 189 47.62 -29.57 7.24
CA LYS C 189 48.74 -28.79 6.76
C LYS C 189 48.53 -27.29 6.90
N HIS C 190 47.40 -26.88 7.44
CA HIS C 190 47.05 -25.48 7.63
C HIS C 190 46.87 -25.19 9.12
N LYS C 191 47.90 -25.56 9.89
CA LYS C 191 47.89 -25.42 11.34
C LYS C 191 47.90 -23.95 11.77
N VAL C 192 48.97 -23.23 11.45
CA VAL C 192 49.28 -21.96 12.10
C VAL C 192 48.84 -20.81 11.20
N TYR C 193 48.86 -19.60 11.76
CA TYR C 193 48.40 -18.39 11.10
C TYR C 193 49.36 -17.24 11.38
N ALA C 194 49.23 -16.17 10.58
CA ALA C 194 49.99 -14.94 10.82
C ALA C 194 49.30 -13.78 10.09
N CYS C 195 48.53 -12.98 10.84
CA CYS C 195 47.93 -11.79 10.26
C CYS C 195 49.02 -10.77 9.93
N GLU C 196 48.80 -10.00 8.87
CA GLU C 196 49.75 -8.99 8.43
C GLU C 196 48.96 -7.74 8.05
N VAL C 197 49.11 -6.66 8.81
CA VAL C 197 48.29 -5.46 8.63
C VAL C 197 49.21 -4.25 8.61
N THR C 198 48.97 -3.34 7.66
CA THR C 198 49.67 -2.07 7.55
C THR C 198 48.72 -0.95 7.95
N HIS C 199 49.23 0.02 8.72
CA HIS C 199 48.37 1.13 9.15
C HIS C 199 49.23 2.35 9.48
N GLN C 200 49.24 3.33 8.57
CA GLN C 200 49.52 4.75 8.85
C GLN C 200 50.65 5.00 9.84
N GLY C 201 51.88 4.66 9.46
CA GLY C 201 52.98 4.81 10.40
C GLY C 201 53.96 3.67 10.40
N LEU C 202 54.01 2.93 11.51
CA LEU C 202 54.97 1.85 11.70
C LEU C 202 54.83 0.73 10.66
N SER C 203 53.91 0.88 9.71
CA SER C 203 53.72 -0.03 8.58
C SER C 203 53.11 -1.34 9.05
N SER C 204 53.82 -2.45 8.83
CA SER C 204 53.27 -3.76 9.11
C SER C 204 53.97 -4.38 10.30
N PRO C 205 53.35 -4.40 11.48
CA PRO C 205 53.90 -5.21 12.57
C PRO C 205 53.62 -6.68 12.33
N VAL C 206 54.65 -7.41 11.90
CA VAL C 206 54.48 -8.83 11.58
C VAL C 206 54.21 -9.58 12.87
N THR C 207 53.44 -10.66 12.77
CA THR C 207 53.04 -11.45 13.92
C THR C 207 53.66 -12.83 13.87
N LYS C 208 54.03 -13.31 15.05
CA LYS C 208 54.67 -14.62 15.21
C LYS C 208 53.75 -15.54 15.99
N SER C 209 53.75 -16.81 15.60
CA SER C 209 53.08 -17.86 16.35
C SER C 209 53.86 -19.15 16.13
N PHE C 210 53.42 -20.21 16.78
CA PHE C 210 54.05 -21.51 16.63
C PHE C 210 53.03 -22.51 16.09
N ASN C 211 53.54 -23.54 15.42
CA ASN C 211 52.68 -24.48 14.71
C ASN C 211 51.70 -25.15 15.67
N ARG C 212 50.66 -25.75 15.08
CA ARG C 212 49.68 -26.55 15.83
C ARG C 212 50.01 -28.03 15.80
N GLY C 213 51.28 -28.38 15.66
CA GLY C 213 51.70 -29.77 15.64
C GLY C 213 53.20 -29.92 15.47
N VAL D 2 -0.70 -3.68 -25.78
CA VAL D 2 -1.65 -4.65 -25.26
C VAL D 2 -1.96 -5.71 -26.33
N GLN D 3 -1.88 -6.98 -25.93
CA GLN D 3 -2.07 -8.09 -26.85
C GLN D 3 -2.28 -9.36 -26.04
N LEU D 4 -3.25 -10.17 -26.48
CA LEU D 4 -3.54 -11.46 -25.87
C LEU D 4 -3.41 -12.55 -26.92
N VAL D 5 -2.76 -13.64 -26.56
CA VAL D 5 -2.60 -14.79 -27.45
C VAL D 5 -3.41 -15.95 -26.87
N GLU D 6 -3.59 -17.00 -27.67
CA GLU D 6 -4.46 -18.10 -27.29
C GLU D 6 -3.98 -19.39 -27.95
N SER D 7 -4.14 -20.50 -27.25
CA SER D 7 -3.70 -21.79 -27.78
C SER D 7 -4.43 -22.92 -27.07
N GLY D 8 -4.58 -24.04 -27.78
CA GLY D 8 -5.16 -25.22 -27.16
C GLY D 8 -6.26 -25.96 -27.91
N GLY D 9 -6.47 -25.64 -29.19
CA GLY D 9 -7.53 -26.31 -29.93
C GLY D 9 -7.24 -27.79 -30.12
N GLY D 10 -8.31 -28.58 -30.22
CA GLY D 10 -8.19 -30.03 -30.30
C GLY D 10 -9.00 -30.68 -31.40
N VAL D 11 -8.48 -31.74 -31.99
CA VAL D 11 -9.09 -32.30 -33.20
C VAL D 11 -10.39 -33.01 -32.88
N VAL D 12 -10.33 -34.08 -32.09
CA VAL D 12 -11.52 -34.80 -31.64
C VAL D 12 -11.40 -34.92 -30.12
N GLN D 13 -12.41 -34.43 -29.43
CA GLN D 13 -12.41 -34.41 -27.96
C GLN D 13 -13.67 -35.04 -27.44
N PRO D 14 -13.83 -36.37 -27.60
CA PRO D 14 -14.88 -37.06 -26.87
C PRO D 14 -14.44 -37.37 -25.45
N GLY D 15 -14.99 -36.63 -24.50
CA GLY D 15 -14.76 -36.93 -23.09
C GLY D 15 -13.31 -36.91 -22.66
N ARG D 16 -12.55 -35.90 -23.06
CA ARG D 16 -11.17 -35.75 -22.64
C ARG D 16 -11.02 -34.41 -21.93
N SER D 17 -9.87 -34.22 -21.27
CA SER D 17 -9.58 -32.93 -20.67
C SER D 17 -8.68 -32.11 -21.58
N LEU D 18 -9.06 -30.85 -21.80
CA LEU D 18 -8.30 -29.94 -22.64
C LEU D 18 -8.04 -28.65 -21.87
N ARG D 19 -6.80 -28.21 -21.89
CA ARG D 19 -6.35 -27.03 -21.14
C ARG D 19 -6.11 -25.88 -22.12
N LEU D 20 -6.76 -24.75 -21.87
CA LEU D 20 -6.56 -23.56 -22.68
C LEU D 20 -5.88 -22.48 -21.85
N SER D 21 -5.01 -21.71 -22.51
CA SER D 21 -4.24 -20.66 -21.85
C SER D 21 -4.18 -19.44 -22.74
N CYS D 22 -4.40 -18.26 -22.16
CA CYS D 22 -4.29 -16.99 -22.86
C CYS D 22 -3.26 -16.13 -22.13
N ALA D 23 -2.16 -15.81 -22.81
CA ALA D 23 -1.07 -15.07 -22.22
C ALA D 23 -1.24 -13.58 -22.44
N ALA D 24 -0.74 -12.79 -21.48
CA ALA D 24 -0.88 -11.34 -21.51
C ALA D 24 0.45 -10.69 -21.86
N SER D 25 0.38 -9.42 -22.26
CA SER D 25 1.54 -8.68 -22.70
C SER D 25 1.29 -7.18 -22.78
N GLY D 26 2.17 -6.38 -22.19
CA GLY D 26 2.16 -4.94 -22.40
C GLY D 26 1.45 -4.10 -21.36
N PHE D 27 1.07 -4.67 -20.22
CA PHE D 27 0.41 -3.90 -19.18
C PHE D 27 0.62 -4.60 -17.86
N THR D 28 -0.02 -4.07 -16.81
CA THR D 28 0.11 -4.63 -15.46
C THR D 28 -0.91 -5.74 -15.31
N PHE D 29 -0.43 -6.99 -15.41
CA PHE D 29 -1.33 -8.13 -15.40
C PHE D 29 -1.99 -8.35 -14.05
N SER D 30 -1.36 -7.92 -12.96
CA SER D 30 -1.85 -8.26 -11.62
C SER D 30 -2.89 -7.29 -11.09
N SER D 31 -3.29 -6.29 -11.88
CA SER D 31 -4.26 -5.30 -11.43
C SER D 31 -5.55 -5.34 -12.25
N TYR D 32 -5.81 -6.43 -12.95
CA TYR D 32 -7.00 -6.56 -13.78
C TYR D 32 -7.64 -7.92 -13.56
N ALA D 33 -8.95 -7.98 -13.77
CA ALA D 33 -9.69 -9.22 -13.83
C ALA D 33 -9.89 -9.63 -15.29
N PHE D 34 -10.19 -10.91 -15.50
CA PHE D 34 -10.25 -11.44 -16.86
C PHE D 34 -11.56 -12.20 -17.05
N HIS D 35 -11.68 -12.84 -18.22
CA HIS D 35 -12.93 -13.46 -18.63
C HIS D 35 -12.63 -14.59 -19.60
N TRP D 36 -13.67 -15.37 -19.89
CA TRP D 36 -13.67 -16.30 -21.00
C TRP D 36 -15.06 -16.31 -21.61
N VAL D 37 -15.13 -16.35 -22.94
CA VAL D 37 -16.38 -16.21 -23.67
C VAL D 37 -16.32 -17.09 -24.92
N ARG D 38 -17.36 -17.87 -25.16
CA ARG D 38 -17.43 -18.75 -26.31
C ARG D 38 -18.42 -18.20 -27.34
N GLN D 39 -18.40 -18.80 -28.52
CA GLN D 39 -19.33 -18.44 -29.59
C GLN D 39 -19.58 -19.67 -30.45
N ALA D 40 -20.83 -20.10 -30.53
CA ALA D 40 -21.16 -21.31 -31.25
C ALA D 40 -20.77 -21.20 -32.72
N PRO D 41 -20.77 -22.30 -33.47
CA PRO D 41 -20.45 -22.23 -34.89
C PRO D 41 -21.52 -21.53 -35.71
N GLY D 42 -21.60 -20.21 -35.62
CA GLY D 42 -22.56 -19.42 -36.36
C GLY D 42 -23.68 -18.82 -35.55
N LYS D 43 -23.71 -19.04 -34.24
CA LYS D 43 -24.74 -18.50 -33.36
C LYS D 43 -24.19 -17.32 -32.57
N GLY D 44 -24.97 -16.89 -31.58
CA GLY D 44 -24.65 -15.68 -30.83
C GLY D 44 -23.43 -15.78 -29.95
N LEU D 45 -23.37 -14.93 -28.93
CA LEU D 45 -22.19 -14.80 -28.08
C LEU D 45 -22.56 -15.20 -26.66
N GLU D 46 -21.72 -16.04 -26.04
CA GLU D 46 -22.06 -16.73 -24.81
C GLU D 46 -20.92 -16.64 -23.79
N TRP D 47 -21.28 -16.51 -22.52
CA TRP D 47 -20.33 -16.30 -21.43
C TRP D 47 -20.12 -17.60 -20.65
N VAL D 48 -18.87 -17.85 -20.23
CA VAL D 48 -18.58 -19.14 -19.60
C VAL D 48 -17.93 -19.06 -18.21
N ALA D 49 -17.19 -17.99 -17.92
CA ALA D 49 -16.45 -17.96 -16.65
C ALA D 49 -15.94 -16.55 -16.38
N VAL D 50 -15.31 -16.38 -15.21
CA VAL D 50 -14.71 -15.11 -14.80
C VAL D 50 -13.75 -15.39 -13.65
N ILE D 51 -12.73 -14.54 -13.52
CA ILE D 51 -11.74 -14.64 -12.47
C ILE D 51 -11.54 -13.25 -11.84
N SER D 52 -11.34 -13.23 -10.53
CA SER D 52 -11.16 -11.96 -9.82
C SER D 52 -9.76 -11.42 -10.06
N TYR D 53 -9.53 -10.19 -9.59
CA TYR D 53 -8.22 -9.56 -9.81
C TYR D 53 -7.18 -10.13 -8.85
N ASP D 54 -7.57 -10.48 -7.64
CA ASP D 54 -6.68 -11.13 -6.69
C ASP D 54 -6.83 -12.64 -6.68
N GLY D 55 -7.72 -13.19 -7.51
CA GLY D 55 -7.87 -14.62 -7.65
C GLY D 55 -8.69 -15.31 -6.60
N SER D 56 -9.24 -14.57 -5.64
CA SER D 56 -9.94 -15.21 -4.53
C SER D 56 -11.31 -15.74 -4.96
N ASN D 57 -12.02 -14.99 -5.80
CA ASN D 57 -13.40 -15.32 -6.15
C ASN D 57 -13.50 -15.79 -7.59
N GLN D 58 -14.35 -16.79 -7.82
CA GLN D 58 -14.57 -17.36 -9.13
C GLN D 58 -16.05 -17.65 -9.33
N TYR D 59 -16.56 -17.37 -10.52
CA TYR D 59 -17.97 -17.59 -10.85
C TYR D 59 -18.07 -18.29 -12.20
N TYR D 60 -19.10 -19.11 -12.35
CA TYR D 60 -19.27 -19.92 -13.56
C TYR D 60 -20.71 -19.80 -14.07
N ALA D 61 -20.92 -20.28 -15.28
CA ALA D 61 -22.23 -20.26 -15.91
C ALA D 61 -23.04 -21.46 -15.45
N ASP D 62 -24.18 -21.72 -16.10
CA ASP D 62 -25.06 -22.80 -15.69
C ASP D 62 -24.82 -24.09 -16.46
N SER D 63 -24.46 -24.03 -17.75
CA SER D 63 -24.10 -25.21 -18.51
C SER D 63 -22.60 -25.48 -18.43
N VAL D 64 -21.91 -24.73 -17.58
CA VAL D 64 -20.45 -24.83 -17.45
C VAL D 64 -20.00 -25.25 -16.07
N LYS D 65 -20.77 -24.95 -15.01
CA LYS D 65 -20.34 -25.25 -13.65
C LYS D 65 -20.27 -26.74 -13.40
N GLY D 66 -19.26 -27.16 -12.65
CA GLY D 66 -19.08 -28.56 -12.33
C GLY D 66 -18.26 -29.34 -13.34
N ARG D 67 -17.86 -28.73 -14.45
CA ARG D 67 -16.98 -29.38 -15.41
C ARG D 67 -15.85 -28.50 -15.94
N PHE D 68 -15.96 -27.18 -15.88
CA PHE D 68 -14.89 -26.28 -16.28
C PHE D 68 -14.34 -25.57 -15.05
N THR D 69 -13.04 -25.31 -15.05
CA THR D 69 -12.37 -24.69 -13.91
C THR D 69 -11.37 -23.65 -14.40
N ILE D 70 -11.31 -22.52 -13.71
CA ILE D 70 -10.43 -21.41 -14.10
C ILE D 70 -9.35 -21.22 -13.05
N SER D 71 -8.21 -20.69 -13.48
CA SER D 71 -7.10 -20.39 -12.59
C SER D 71 -6.20 -19.38 -13.26
N ARG D 72 -5.37 -18.70 -12.46
CA ARG D 72 -4.49 -17.66 -12.97
C ARG D 72 -3.12 -17.77 -12.31
N ASP D 73 -2.11 -17.27 -13.01
CA ASP D 73 -0.75 -17.19 -12.50
C ASP D 73 -0.21 -15.80 -12.79
N ASN D 74 0.28 -15.13 -11.75
CA ASN D 74 0.84 -13.79 -11.91
C ASN D 74 2.31 -13.80 -12.29
N SER D 75 3.01 -14.91 -12.09
CA SER D 75 4.45 -14.95 -12.38
C SER D 75 4.71 -14.94 -13.89
N LYS D 76 3.96 -15.74 -14.65
CA LYS D 76 4.15 -15.83 -16.08
C LYS D 76 3.20 -14.91 -16.86
N ASN D 77 2.40 -14.11 -16.17
CA ASN D 77 1.40 -13.26 -16.81
C ASN D 77 0.48 -14.10 -17.71
N THR D 78 0.03 -15.23 -17.17
CA THR D 78 -0.78 -16.18 -17.93
C THR D 78 -1.85 -16.76 -17.01
N LEU D 79 -3.03 -17.02 -17.58
CA LEU D 79 -4.12 -17.67 -16.87
C LEU D 79 -4.73 -18.74 -17.75
N TYR D 80 -5.36 -19.73 -17.09
CA TYR D 80 -5.74 -20.97 -17.75
C TYR D 80 -7.23 -21.24 -17.53
N LEU D 81 -7.72 -22.31 -18.16
CA LEU D 81 -9.11 -22.73 -17.98
C LEU D 81 -9.21 -24.21 -18.33
N GLN D 82 -9.27 -25.07 -17.32
CA GLN D 82 -9.45 -26.49 -17.52
C GLN D 82 -10.87 -26.81 -17.96
N MET D 83 -11.03 -27.91 -18.70
CA MET D 83 -12.34 -28.38 -19.12
C MET D 83 -12.39 -29.90 -19.03
N ASN D 84 -13.43 -30.42 -18.38
CA ASN D 84 -13.54 -31.84 -18.07
C ASN D 84 -14.79 -32.44 -18.69
N SER D 85 -14.64 -33.62 -19.29
CA SER D 85 -15.75 -34.42 -19.80
C SER D 85 -16.60 -33.64 -20.80
N LEU D 86 -15.95 -33.27 -21.90
CA LEU D 86 -16.57 -32.40 -22.90
C LEU D 86 -17.59 -33.16 -23.72
N ARG D 87 -18.81 -32.61 -23.77
CA ARG D 87 -19.84 -33.13 -24.65
C ARG D 87 -19.56 -32.72 -26.09
N ALA D 88 -20.15 -33.47 -27.02
CA ALA D 88 -20.04 -33.09 -28.43
C ALA D 88 -20.77 -31.79 -28.73
N ASP D 89 -21.57 -31.30 -27.77
CA ASP D 89 -22.38 -30.11 -27.94
C ASP D 89 -21.73 -28.88 -27.30
N ASP D 90 -20.40 -28.87 -27.21
CA ASP D 90 -19.65 -27.75 -26.64
C ASP D 90 -18.66 -27.18 -27.65
N THR D 91 -18.88 -27.43 -28.93
CA THR D 91 -18.06 -26.83 -29.97
C THR D 91 -18.24 -25.32 -29.93
N ALA D 92 -17.12 -24.59 -30.02
CA ALA D 92 -17.16 -23.14 -29.91
C ALA D 92 -15.82 -22.57 -30.38
N VAL D 93 -15.67 -21.27 -30.20
CA VAL D 93 -14.41 -20.56 -30.45
C VAL D 93 -14.21 -19.63 -29.25
N TYR D 94 -13.33 -20.02 -28.35
CA TYR D 94 -13.23 -19.34 -27.06
C TYR D 94 -12.35 -18.09 -27.14
N TYR D 95 -12.74 -17.07 -26.38
CA TYR D 95 -12.04 -15.80 -26.39
C TYR D 95 -11.61 -15.44 -24.97
N CYS D 96 -10.34 -15.09 -24.82
CA CYS D 96 -9.87 -14.39 -23.63
C CYS D 96 -10.28 -12.92 -23.70
N ALA D 97 -10.54 -12.33 -22.54
CA ALA D 97 -11.05 -10.96 -22.50
C ALA D 97 -10.39 -10.23 -21.33
N ARG D 98 -10.96 -9.08 -20.97
CA ARG D 98 -10.42 -8.27 -19.88
C ARG D 98 -11.46 -7.26 -19.43
N ASP D 99 -11.71 -7.20 -18.13
CA ASP D 99 -12.72 -6.29 -17.59
C ASP D 99 -12.35 -4.83 -17.80
N LEU D 100 -13.36 -4.02 -18.07
CA LEU D 100 -13.25 -2.58 -17.92
C LEU D 100 -13.30 -2.21 -16.44
N ALA D 101 -12.43 -1.31 -16.03
CA ALA D 101 -12.38 -0.85 -14.65
C ALA D 101 -12.60 0.65 -14.63
N ILE D 102 -13.80 1.07 -14.25
CA ILE D 102 -14.15 2.48 -14.18
C ILE D 102 -13.66 3.03 -12.84
N ALA D 103 -12.74 3.98 -12.90
CA ALA D 103 -12.16 4.56 -11.69
C ALA D 103 -12.84 5.89 -11.40
N VAL D 104 -13.44 5.98 -10.22
CA VAL D 104 -14.12 7.19 -9.77
C VAL D 104 -13.56 7.57 -8.41
N ALA D 105 -13.06 8.79 -8.28
CA ALA D 105 -12.53 9.32 -7.03
C ALA D 105 -11.38 8.48 -6.50
N GLY D 106 -10.60 7.86 -7.40
CA GLY D 106 -9.45 7.09 -7.02
C GLY D 106 -9.71 5.64 -6.68
N THR D 107 -10.97 5.20 -6.67
CA THR D 107 -11.31 3.82 -6.36
C THR D 107 -11.71 3.11 -7.65
N TRP D 108 -11.21 1.88 -7.82
CA TRP D 108 -11.46 1.11 -9.03
C TRP D 108 -12.67 0.22 -8.83
N HIS D 109 -13.58 0.24 -9.80
CA HIS D 109 -14.79 -0.58 -9.79
C HIS D 109 -14.73 -1.54 -10.95
N TYR D 110 -15.01 -2.82 -10.69
CA TYR D 110 -14.75 -3.89 -11.65
C TYR D 110 -16.05 -4.39 -12.27
N TYR D 111 -15.89 -5.30 -13.23
CA TYR D 111 -17.00 -5.99 -13.90
C TYR D 111 -17.94 -4.99 -14.57
N ASN D 112 -17.40 -4.27 -15.55
CA ASN D 112 -18.16 -3.27 -16.28
C ASN D 112 -18.15 -3.45 -17.79
N GLY D 113 -17.50 -4.48 -18.29
CA GLY D 113 -17.42 -4.72 -19.72
C GLY D 113 -16.17 -5.49 -20.05
N MET D 114 -15.91 -5.61 -21.36
CA MET D 114 -14.71 -6.28 -21.86
C MET D 114 -14.15 -5.45 -23.00
N ASP D 115 -12.95 -4.91 -22.83
CA ASP D 115 -12.37 -4.00 -23.80
C ASP D 115 -11.33 -4.65 -24.69
N VAL D 116 -10.41 -5.43 -24.12
CA VAL D 116 -9.34 -6.08 -24.87
C VAL D 116 -9.71 -7.53 -25.09
N TRP D 117 -9.66 -7.98 -26.33
CA TRP D 117 -10.05 -9.33 -26.72
C TRP D 117 -8.89 -10.06 -27.35
N GLY D 118 -8.97 -11.39 -27.35
CA GLY D 118 -7.98 -12.23 -27.99
C GLY D 118 -8.31 -12.47 -29.45
N GLN D 119 -7.58 -13.42 -30.05
CA GLN D 119 -7.78 -13.75 -31.45
C GLN D 119 -8.86 -14.80 -31.64
N GLY D 120 -8.81 -15.87 -30.86
CA GLY D 120 -9.80 -16.95 -30.94
C GLY D 120 -9.12 -18.30 -31.10
N THR D 121 -9.60 -19.28 -30.34
CA THR D 121 -9.14 -20.66 -30.41
C THR D 121 -10.26 -21.54 -30.93
N THR D 122 -10.01 -22.27 -32.01
CA THR D 122 -11.02 -23.14 -32.60
C THR D 122 -10.95 -24.49 -31.93
N VAL D 123 -11.82 -24.71 -30.93
CA VAL D 123 -11.89 -25.97 -30.20
C VAL D 123 -13.11 -26.73 -30.70
N THR D 124 -12.89 -27.93 -31.24
CA THR D 124 -13.96 -28.73 -31.80
C THR D 124 -13.98 -30.11 -31.16
N VAL D 125 -15.18 -30.59 -30.86
CA VAL D 125 -15.38 -31.86 -30.19
C VAL D 125 -16.24 -32.74 -31.07
N SER D 126 -15.91 -34.03 -31.11
CA SER D 126 -16.54 -34.91 -32.09
C SER D 126 -16.44 -36.34 -31.58
N SER D 127 -16.57 -37.30 -32.49
CA SER D 127 -16.43 -38.70 -32.14
C SER D 127 -15.47 -39.40 -33.09
N ASP E 1 -31.67 -14.36 -13.23
CA ASP E 1 -31.08 -14.45 -14.56
C ASP E 1 -31.74 -13.48 -15.52
N ILE E 2 -31.17 -12.28 -15.64
CA ILE E 2 -31.76 -11.25 -16.49
C ILE E 2 -31.70 -11.69 -17.94
N GLN E 3 -32.84 -11.63 -18.62
CA GLN E 3 -32.92 -11.97 -20.03
C GLN E 3 -33.01 -10.68 -20.84
N MET E 4 -32.18 -10.58 -21.87
CA MET E 4 -32.09 -9.38 -22.69
C MET E 4 -32.66 -9.67 -24.07
N THR E 5 -33.43 -8.73 -24.59
CA THR E 5 -34.03 -8.86 -25.91
C THR E 5 -33.57 -7.71 -26.80
N GLN E 6 -33.22 -8.02 -28.03
CA GLN E 6 -32.71 -7.03 -28.98
C GLN E 6 -33.47 -7.14 -30.28
N SER E 7 -34.04 -6.01 -30.73
CA SER E 7 -34.77 -5.92 -31.98
C SER E 7 -34.32 -4.69 -32.76
N PRO E 8 -34.34 -4.75 -34.09
CA PRO E 8 -34.74 -5.86 -34.95
C PRO E 8 -33.63 -6.89 -35.12
N SER E 9 -33.72 -7.72 -36.15
CA SER E 9 -32.73 -8.76 -36.37
C SER E 9 -31.98 -8.65 -37.69
N SER E 10 -32.47 -7.85 -38.65
CA SER E 10 -31.80 -7.75 -39.95
C SER E 10 -32.30 -6.49 -40.65
N VAL E 11 -31.40 -5.57 -40.95
CA VAL E 11 -31.73 -4.30 -41.58
C VAL E 11 -30.70 -4.00 -42.67
N SER E 12 -30.82 -2.82 -43.28
CA SER E 12 -29.93 -2.42 -44.37
C SER E 12 -30.10 -0.93 -44.66
N ALA E 13 -28.99 -0.26 -44.96
CA ALA E 13 -28.98 1.16 -45.33
C ALA E 13 -27.57 1.52 -45.79
N SER E 14 -27.45 2.69 -46.46
CA SER E 14 -26.22 3.03 -47.17
C SER E 14 -25.85 4.49 -46.98
N VAL E 15 -24.54 4.76 -47.02
CA VAL E 15 -23.94 6.10 -47.07
C VAL E 15 -24.47 6.96 -45.93
N GLY E 16 -25.22 8.01 -46.24
CA GLY E 16 -25.75 8.89 -45.22
C GLY E 16 -27.12 8.50 -44.74
N ASP E 17 -27.22 7.39 -44.01
CA ASP E 17 -28.50 6.93 -43.48
C ASP E 17 -28.38 6.67 -42.00
N ARG E 18 -29.43 7.03 -41.27
CA ARG E 18 -29.48 6.91 -39.81
C ARG E 18 -30.33 5.71 -39.45
N VAL E 19 -29.81 4.87 -38.56
CA VAL E 19 -30.49 3.64 -38.16
C VAL E 19 -30.56 3.57 -36.63
N ILE E 20 -31.54 2.82 -36.14
CA ILE E 20 -31.85 2.74 -34.73
C ILE E 20 -31.95 1.28 -34.32
N ILE E 21 -31.45 0.95 -33.13
CA ILE E 21 -31.45 -0.41 -32.62
C ILE E 21 -31.94 -0.37 -31.17
N THR E 22 -32.88 -1.24 -30.84
CA THR E 22 -33.51 -1.25 -29.53
C THR E 22 -33.01 -2.44 -28.72
N CYS E 23 -33.02 -2.29 -27.39
CA CYS E 23 -32.62 -3.37 -26.50
C CYS E 23 -33.49 -3.27 -25.25
N ARG E 24 -34.04 -4.41 -24.81
CA ARG E 24 -34.98 -4.44 -23.70
C ARG E 24 -34.51 -5.41 -22.63
N ALA E 25 -34.67 -5.03 -21.37
CA ALA E 25 -34.22 -5.82 -20.24
C ALA E 25 -35.41 -6.29 -19.42
N SER E 26 -35.27 -7.48 -18.83
CA SER E 26 -36.34 -8.04 -18.01
C SER E 26 -36.49 -7.33 -16.68
N GLN E 27 -35.44 -6.68 -16.20
CA GLN E 27 -35.50 -5.93 -14.94
C GLN E 27 -34.99 -4.51 -15.17
N GLY E 28 -34.85 -3.75 -14.10
CA GLY E 28 -34.24 -2.43 -14.20
C GLY E 28 -32.77 -2.48 -13.89
N ILE E 29 -31.93 -2.42 -14.91
CA ILE E 29 -30.49 -2.53 -14.74
C ILE E 29 -29.81 -1.17 -14.66
N SER E 30 -30.59 -0.10 -14.44
CA SER E 30 -30.05 1.25 -14.36
C SER E 30 -29.18 1.58 -15.56
N SER E 31 -28.12 2.34 -15.35
CA SER E 31 -27.19 2.71 -16.43
C SER E 31 -25.98 1.78 -16.45
N TRP E 32 -26.26 0.48 -16.61
CA TRP E 32 -25.22 -0.55 -16.67
C TRP E 32 -25.46 -1.36 -17.94
N LEU E 33 -24.82 -0.93 -19.03
CA LEU E 33 -25.00 -1.59 -20.32
C LEU E 33 -23.75 -1.36 -21.15
N ALA E 34 -23.60 -2.17 -22.20
CA ALA E 34 -22.48 -2.03 -23.12
C ALA E 34 -22.90 -2.52 -24.49
N TRP E 35 -22.31 -1.94 -25.53
CA TRP E 35 -22.55 -2.32 -26.91
C TRP E 35 -21.23 -2.73 -27.56
N TYR E 36 -21.32 -3.66 -28.51
CA TYR E 36 -20.13 -4.19 -29.17
C TYR E 36 -20.35 -4.16 -30.68
N GLN E 37 -19.32 -4.56 -31.42
CA GLN E 37 -19.42 -4.69 -32.87
C GLN E 37 -18.42 -5.73 -33.33
N GLN E 38 -18.89 -6.75 -34.04
CA GLN E 38 -18.05 -7.83 -34.50
C GLN E 38 -18.22 -8.02 -36.00
N LYS E 39 -17.12 -7.94 -36.73
CA LYS E 39 -17.13 -8.18 -38.16
C LYS E 39 -17.11 -9.68 -38.43
N PRO E 40 -17.44 -10.11 -39.66
CA PRO E 40 -17.78 -11.53 -39.88
C PRO E 40 -16.72 -12.54 -39.45
N GLY E 41 -15.46 -12.13 -39.27
CA GLY E 41 -14.45 -13.11 -38.91
C GLY E 41 -13.41 -12.67 -37.91
N LYS E 42 -13.77 -11.78 -37.00
CA LYS E 42 -12.81 -11.20 -36.08
C LYS E 42 -13.43 -11.07 -34.70
N ALA E 43 -12.59 -10.72 -33.73
CA ALA E 43 -13.05 -10.56 -32.35
C ALA E 43 -13.92 -9.32 -32.22
N PRO E 44 -14.83 -9.29 -31.24
CA PRO E 44 -15.64 -8.09 -31.02
C PRO E 44 -14.82 -6.94 -30.48
N LYS E 45 -15.40 -5.75 -30.56
CA LYS E 45 -14.80 -4.53 -30.07
C LYS E 45 -15.86 -3.73 -29.33
N VAL E 46 -15.53 -3.24 -28.13
CA VAL E 46 -16.51 -2.47 -27.38
C VAL E 46 -16.67 -1.10 -28.01
N LEU E 47 -17.91 -0.60 -27.99
CA LEU E 47 -18.22 0.71 -28.55
C LEU E 47 -18.67 1.71 -27.50
N ILE E 48 -19.68 1.37 -26.71
CA ILE E 48 -20.30 2.28 -25.75
C ILE E 48 -20.44 1.54 -24.43
N TYR E 49 -19.86 2.10 -23.38
CA TYR E 49 -20.02 1.55 -22.05
C TYR E 49 -20.75 2.55 -21.16
N ASP E 50 -21.20 2.09 -20.01
CA ASP E 50 -22.00 2.87 -19.06
C ASP E 50 -23.31 3.35 -19.67
N ALA E 51 -23.70 2.78 -20.81
CA ALA E 51 -24.96 3.04 -21.51
C ALA E 51 -25.02 4.44 -22.10
N SER E 52 -24.03 5.28 -21.79
CA SER E 52 -23.93 6.59 -22.44
C SER E 52 -22.52 6.96 -22.87
N SER E 53 -21.47 6.49 -22.20
CA SER E 53 -20.12 6.89 -22.53
C SER E 53 -19.66 6.24 -23.82
N LEU E 54 -18.58 6.76 -24.38
CA LEU E 54 -18.06 6.28 -25.65
C LEU E 54 -16.59 5.93 -25.48
N GLN E 55 -16.22 4.74 -25.94
CA GLN E 55 -14.85 4.28 -25.77
C GLN E 55 -13.89 5.18 -26.53
N SER E 56 -12.78 5.54 -25.88
CA SER E 56 -11.80 6.42 -26.48
C SER E 56 -11.18 5.80 -27.71
N GLY E 57 -11.46 6.39 -28.88
CA GLY E 57 -11.02 5.86 -30.15
C GLY E 57 -12.15 5.53 -31.11
N VAL E 58 -13.35 5.30 -30.60
CA VAL E 58 -14.51 5.08 -31.47
C VAL E 58 -14.92 6.39 -32.12
N PRO E 59 -15.20 6.42 -33.43
CA PRO E 59 -15.62 7.67 -34.05
C PRO E 59 -16.91 8.18 -33.44
N SER E 60 -17.07 9.51 -33.47
CA SER E 60 -18.18 10.17 -32.82
C SER E 60 -19.50 10.04 -33.57
N ARG E 61 -19.55 9.25 -34.65
CA ARG E 61 -20.80 9.05 -35.36
C ARG E 61 -21.82 8.27 -34.52
N PHE E 62 -21.35 7.41 -33.64
CA PHE E 62 -22.22 6.57 -32.82
C PHE E 62 -22.69 7.33 -31.59
N SER E 63 -23.91 7.03 -31.15
CA SER E 63 -24.44 7.63 -29.93
C SER E 63 -25.61 6.78 -29.45
N GLY E 64 -25.69 6.58 -28.14
CA GLY E 64 -26.77 5.81 -27.57
C GLY E 64 -27.07 6.23 -26.15
N SER E 65 -28.34 6.11 -25.73
CA SER E 65 -28.73 6.58 -24.42
C SER E 65 -29.91 5.76 -23.91
N GLY E 66 -30.07 5.75 -22.60
CA GLY E 66 -31.17 5.04 -21.98
C GLY E 66 -30.92 4.89 -20.50
N TYR E 67 -31.97 4.49 -19.79
CA TYR E 67 -31.89 4.27 -18.36
C TYR E 67 -33.07 3.40 -17.95
N GLY E 68 -32.78 2.31 -17.25
CA GLY E 68 -33.84 1.43 -16.76
C GLY E 68 -34.03 0.19 -17.60
N THR E 69 -35.09 0.18 -18.40
CA THR E 69 -35.47 -0.97 -19.21
C THR E 69 -35.17 -0.81 -20.69
N ASP E 70 -35.40 0.37 -21.25
CA ASP E 70 -35.22 0.61 -22.68
C ASP E 70 -33.88 1.28 -22.94
N PHE E 71 -33.20 0.84 -23.99
CA PHE E 71 -31.92 1.40 -24.40
C PHE E 71 -31.91 1.50 -25.92
N THR E 72 -30.98 2.28 -26.45
CA THR E 72 -30.96 2.56 -27.88
C THR E 72 -29.53 2.80 -28.34
N LEU E 73 -29.28 2.50 -29.61
CA LEU E 73 -28.01 2.85 -30.26
C LEU E 73 -28.32 3.47 -31.60
N THR E 74 -27.75 4.63 -31.87
CA THR E 74 -27.99 5.38 -33.10
C THR E 74 -26.70 5.60 -33.85
N ILE E 75 -26.74 5.39 -35.16
CA ILE E 75 -25.62 5.66 -36.05
C ILE E 75 -26.00 6.80 -36.96
N SER E 76 -25.19 7.85 -36.98
CA SER E 76 -25.54 9.09 -37.68
C SER E 76 -25.50 8.90 -39.19
N SER E 77 -24.36 8.46 -39.72
CA SER E 77 -24.24 8.15 -41.14
C SER E 77 -23.59 6.79 -41.28
N LEU E 78 -24.26 5.88 -41.99
CA LEU E 78 -23.75 4.52 -42.18
C LEU E 78 -22.73 4.52 -43.30
N GLN E 79 -21.48 4.75 -42.94
CA GLN E 79 -20.37 4.64 -43.87
C GLN E 79 -20.14 3.17 -44.22
N PRO E 80 -19.52 2.89 -45.39
CA PRO E 80 -19.32 1.49 -45.82
C PRO E 80 -18.17 0.80 -45.11
N GLU E 81 -18.12 0.98 -43.79
CA GLU E 81 -17.25 0.21 -42.91
C GLU E 81 -17.98 -0.17 -41.64
N ASP E 82 -19.30 -0.33 -41.73
CA ASP E 82 -20.17 -0.58 -40.58
C ASP E 82 -21.15 -1.70 -40.88
N SER E 83 -20.70 -2.72 -41.60
CA SER E 83 -21.53 -3.89 -41.91
C SER E 83 -21.11 -5.04 -41.02
N ALA E 84 -21.66 -5.08 -39.81
CA ALA E 84 -21.26 -6.05 -38.81
C ALA E 84 -22.46 -6.37 -37.92
N THR E 85 -22.21 -7.01 -36.80
CA THR E 85 -23.24 -7.42 -35.85
C THR E 85 -22.98 -6.79 -34.50
N TYR E 86 -24.06 -6.33 -33.84
CA TYR E 86 -23.96 -5.60 -32.60
C TYR E 86 -24.70 -6.34 -31.50
N TYR E 87 -24.15 -6.31 -30.28
CA TYR E 87 -24.69 -7.06 -29.15
C TYR E 87 -24.82 -6.15 -27.94
N CYS E 88 -25.82 -6.46 -27.10
CA CYS E 88 -25.99 -5.81 -25.81
C CYS E 88 -25.22 -6.59 -24.75
N GLN E 89 -25.24 -6.08 -23.52
CA GLN E 89 -24.74 -6.82 -22.37
C GLN E 89 -25.14 -6.14 -21.07
N GLN E 90 -25.61 -6.90 -20.09
CA GLN E 90 -25.98 -6.37 -18.78
C GLN E 90 -24.89 -6.66 -17.77
N ALA E 91 -24.62 -5.70 -16.90
CA ALA E 91 -23.55 -5.82 -15.90
C ALA E 91 -24.08 -5.74 -14.47
N LYS E 92 -25.39 -5.94 -14.27
CA LYS E 92 -25.95 -5.82 -12.93
C LYS E 92 -25.60 -7.02 -12.06
N SER E 93 -25.66 -8.23 -12.60
CA SER E 93 -25.43 -9.43 -11.80
C SER E 93 -25.02 -10.55 -12.74
N PHE E 94 -24.49 -11.63 -12.13
CA PHE E 94 -24.02 -12.85 -12.75
C PHE E 94 -25.15 -13.87 -12.87
N PRO E 95 -25.19 -14.66 -13.95
CA PRO E 95 -24.23 -14.69 -15.06
C PRO E 95 -24.46 -13.58 -16.08
N ILE E 96 -23.40 -13.20 -16.79
CA ILE E 96 -23.49 -12.13 -17.77
C ILE E 96 -24.27 -12.63 -18.98
N THR E 97 -25.23 -11.83 -19.44
CA THR E 97 -26.14 -12.21 -20.51
C THR E 97 -26.06 -11.21 -21.65
N PHE E 98 -25.98 -11.70 -22.88
CA PHE E 98 -25.90 -10.88 -24.07
C PHE E 98 -27.24 -10.85 -24.79
N GLY E 99 -27.35 -9.94 -25.77
CA GLY E 99 -28.49 -9.89 -26.65
C GLY E 99 -28.36 -10.85 -27.82
N GLN E 100 -29.43 -10.93 -28.61
CA GLN E 100 -29.46 -11.88 -29.71
C GLN E 100 -28.66 -11.43 -30.93
N GLY E 101 -28.36 -10.15 -31.05
CA GLY E 101 -27.57 -9.67 -32.17
C GLY E 101 -28.42 -9.16 -33.31
N THR E 102 -27.82 -8.27 -34.10
CA THR E 102 -28.51 -7.61 -35.21
C THR E 102 -27.52 -7.40 -36.35
N ARG E 103 -27.89 -7.82 -37.55
CA ARG E 103 -26.97 -7.82 -38.69
C ARG E 103 -27.30 -6.68 -39.64
N LEU E 104 -26.29 -5.87 -39.96
CA LEU E 104 -26.41 -4.77 -40.90
C LEU E 104 -26.02 -5.22 -42.31
N GLU E 105 -26.32 -4.37 -43.29
CA GLU E 105 -26.00 -4.64 -44.69
C GLU E 105 -25.58 -3.33 -45.33
N ILE E 106 -25.51 -3.32 -46.66
CA ILE E 106 -25.27 -2.11 -47.45
C ILE E 106 -26.31 -2.07 -48.55
N LYS E 107 -27.25 -1.14 -48.45
CA LYS E 107 -28.32 -0.97 -49.43
C LYS E 107 -27.79 -0.95 -50.86
#